data_6JYM
#
_entry.id   6JYM
#
_cell.length_a   55.325
_cell.length_b   104.955
_cell.length_c   137.739
_cell.angle_alpha   90.00
_cell.angle_beta   90.00
_cell.angle_gamma   90.00
#
_symmetry.space_group_name_H-M   'P 21 21 21'
#
loop_
_entity.id
_entity.type
_entity.pdbx_description
1 polymer 'Prolyl endopeptidase'
2 water water
#
_entity_poly.entity_id   1
_entity_poly.type   'polypeptide(L)'
_entity_poly.pdbx_seq_one_letter_code
;MGSSHHHHHHSSGLVPRGSHMASMTGGQQMGRGSEFMGKFTYPNARRDELVEDYHGTKVTEYYRWLEDPDSEETKAFVEA
QNELSKPFLDACPIREKLSSRITEVWDYPKYSCPGRHGEYFYYYHNTGLQNQSVLYAQKGLGADPSVFLDPNSLSEDGTV
SLRGTAFSENDQFFAYGLSKSGSDWVTIKFKKAPSGEDLPDTLERVKFSSMAWTHDHKGLFYNRYLEQQGKSDGTETTMN
VDQKLFYHRLGTDQSEDVLVAEFPEHPRWMIGAEVSDCGRYLVMTIHEGCDPVNRLYYVDLKSMQNEIRGVLSYVKIVDN
FDAEYEYITNDGSKFTFKTNLNASRYKLINIDFADPDQSNWQTLVDEDEKSVLEWAACVNKDKLILCYLKDVKNELYVHG
LSSGSRMSQLPLEVGSVVGYSGKKKYDEIFYQFTSFLTPGIIYRCDMTTDTYTPKTFREIKVKDFDTSQFETEQVFFPSK
DGTKIPMFIVHRKGLVHDGSHPVMLYGYGGFNISITPSFSPSRLVFLQHLGGVYAIANIRGGGEYGESWHKAGNCANKQN
VFDDFQSAAQYLIENKWTSAKRITINGGSNGGLLVGACINQRPDLFGCAVAQVGVLDMLRFHKFTIGHAWTTDYGSSDST
DDFKVLIKYSPLHNIREQKDQYPALLLLTGDHDDRVVPLHSLKFLAQIQYTFKDSDSQTNPLMGRIDTKSGHGFGKPTAK
VIEELTDIYSFMHQTVGLKWSDCGRTRAPPPPPLRSGC
;
_entity_poly.pdbx_strand_id   A
#
# COMPACT_ATOMS: atom_id res chain seq x y z
N LYS A 39 -9.10 4.77 35.41
CA LYS A 39 -9.33 6.16 35.77
C LYS A 39 -9.66 7.00 34.55
N PHE A 40 -9.91 6.34 33.43
CA PHE A 40 -10.26 6.99 32.18
C PHE A 40 -11.77 7.02 32.02
N THR A 41 -12.31 8.20 31.71
CA THR A 41 -13.74 8.37 31.48
C THR A 41 -13.99 8.39 29.98
N TYR A 42 -14.68 7.39 29.49
CA TYR A 42 -14.86 7.26 28.05
C TYR A 42 -16.18 7.89 27.61
N PRO A 43 -16.24 8.36 26.37
CA PRO A 43 -17.44 9.06 25.90
C PRO A 43 -18.68 8.18 25.98
N ASN A 44 -19.83 8.83 26.15
CA ASN A 44 -21.10 8.13 26.07
C ASN A 44 -21.31 7.62 24.65
N ALA A 45 -21.88 6.42 24.54
CA ALA A 45 -22.18 5.83 23.24
C ALA A 45 -23.46 5.03 23.40
N ARG A 46 -24.54 5.51 22.78
CA ARG A 46 -25.82 4.83 22.87
C ARG A 46 -25.70 3.41 22.34
N ARG A 47 -26.31 2.47 23.06
CA ARG A 47 -26.30 1.06 22.68
C ARG A 47 -27.66 0.71 22.08
N ASP A 48 -27.64 0.24 20.83
CA ASP A 48 -28.83 -0.08 20.06
C ASP A 48 -28.75 -1.55 19.70
N GLU A 49 -29.45 -2.39 20.45
CA GLU A 49 -29.39 -3.84 20.23
C GLU A 49 -29.88 -4.22 18.85
N LEU A 50 -28.97 -4.68 17.99
CA LEU A 50 -29.29 -5.10 16.63
C LEU A 50 -28.86 -6.56 16.48
N VAL A 51 -29.84 -7.45 16.36
CA VAL A 51 -29.58 -8.88 16.22
C VAL A 51 -29.75 -9.26 14.76
N GLU A 52 -28.76 -9.98 14.22
CA GLU A 52 -28.81 -10.50 12.86
C GLU A 52 -28.45 -11.98 12.88
N ASP A 53 -29.08 -12.72 11.97
CA ASP A 53 -28.84 -14.16 11.84
C ASP A 53 -27.85 -14.39 10.72
N TYR A 54 -26.76 -15.09 11.03
CA TYR A 54 -25.76 -15.50 10.04
C TYR A 54 -25.80 -17.02 9.98
N HIS A 55 -26.58 -17.56 9.04
CA HIS A 55 -26.63 -19.00 8.78
C HIS A 55 -26.99 -19.80 10.03
N GLY A 56 -27.94 -19.27 10.81
CA GLY A 56 -28.38 -19.91 12.03
C GLY A 56 -27.72 -19.39 13.29
N THR A 57 -26.62 -18.66 13.18
CA THR A 57 -25.93 -18.10 14.33
C THR A 57 -26.37 -16.66 14.53
N LYS A 58 -26.87 -16.36 15.73
CA LYS A 58 -27.30 -15.00 16.04
C LYS A 58 -26.12 -14.17 16.50
N VAL A 59 -25.91 -13.03 15.86
CA VAL A 59 -24.84 -12.11 16.20
C VAL A 59 -25.46 -10.76 16.54
N THR A 60 -25.12 -10.22 17.71
CA THR A 60 -25.67 -8.96 18.19
C THR A 60 -24.56 -7.92 18.23
N GLU A 61 -24.85 -6.73 17.71
CA GLU A 61 -23.98 -5.58 17.85
C GLU A 61 -24.82 -4.39 18.31
N TYR A 62 -24.15 -3.37 18.84
CA TYR A 62 -24.84 -2.29 19.53
C TYR A 62 -24.52 -0.89 19.00
N TYR A 63 -23.61 -0.77 18.04
CA TYR A 63 -23.16 0.55 17.58
C TYR A 63 -23.19 0.68 16.06
N ARG A 64 -24.12 -0.01 15.40
CA ARG A 64 -24.22 0.12 13.95
C ARG A 64 -24.63 1.52 13.52
N TRP A 65 -25.22 2.31 14.41
CA TRP A 65 -25.51 3.71 14.08
C TRP A 65 -24.25 4.50 13.79
N LEU A 66 -23.08 4.03 14.23
CA LEU A 66 -21.82 4.65 13.89
C LEU A 66 -21.43 4.43 12.43
N GLU A 67 -22.14 3.56 11.71
CA GLU A 67 -21.89 3.40 10.28
C GLU A 67 -22.42 4.56 9.46
N ASP A 68 -23.22 5.46 10.05
CA ASP A 68 -23.70 6.66 9.38
C ASP A 68 -22.77 7.79 9.77
N PRO A 69 -21.85 8.22 8.89
CA PRO A 69 -20.91 9.29 9.27
C PRO A 69 -21.54 10.67 9.34
N ASP A 70 -22.76 10.85 8.83
CA ASP A 70 -23.38 12.16 8.70
C ASP A 70 -24.30 12.52 9.86
N SER A 71 -24.66 11.58 10.72
CA SER A 71 -25.58 11.87 11.81
C SER A 71 -24.89 12.69 12.90
N GLU A 72 -25.70 13.47 13.62
CA GLU A 72 -25.17 14.26 14.72
C GLU A 72 -24.62 13.37 15.83
N GLU A 73 -25.23 12.20 16.04
N GLU A 73 -25.22 12.19 16.03
CA GLU A 73 -24.78 11.28 17.07
CA GLU A 73 -24.75 11.32 17.11
C GLU A 73 -23.39 10.75 16.76
C GLU A 73 -23.39 10.71 16.77
N THR A 74 -23.13 10.41 15.50
CA THR A 74 -21.83 9.90 15.11
C THR A 74 -20.77 11.01 15.17
N LYS A 75 -21.12 12.21 14.72
CA LYS A 75 -20.18 13.33 14.79
C LYS A 75 -19.85 13.69 16.23
N ALA A 76 -20.83 13.55 17.13
CA ALA A 76 -20.56 13.81 18.55
C ALA A 76 -19.66 12.73 19.13
N PHE A 77 -19.83 11.48 18.70
CA PHE A 77 -18.95 10.40 19.16
C PHE A 77 -17.53 10.64 18.69
N VAL A 78 -17.36 11.00 17.42
CA VAL A 78 -16.02 11.29 16.89
C VAL A 78 -15.38 12.44 17.64
N GLU A 79 -16.15 13.52 17.87
CA GLU A 79 -15.61 14.67 18.58
C GLU A 79 -15.21 14.31 20.01
N ALA A 80 -16.02 13.49 20.69
CA ALA A 80 -15.72 13.15 22.07
C ALA A 80 -14.49 12.26 22.18
N GLN A 81 -14.28 11.37 21.21
CA GLN A 81 -13.09 10.53 21.23
C GLN A 81 -11.83 11.36 21.00
N ASN A 82 -11.90 12.36 20.11
CA ASN A 82 -10.76 13.23 19.90
C ASN A 82 -10.50 14.11 21.12
N GLU A 83 -11.57 14.55 21.79
CA GLU A 83 -11.41 15.36 22.99
C GLU A 83 -10.83 14.57 24.16
N LEU A 84 -10.82 13.24 24.07
CA LEU A 84 -10.19 12.41 25.08
C LEU A 84 -8.75 12.06 24.73
N SER A 85 -8.49 11.73 23.46
CA SER A 85 -7.16 11.27 23.07
C SER A 85 -6.18 12.43 22.89
N LYS A 86 -6.64 13.54 22.32
CA LYS A 86 -5.73 14.67 22.08
C LYS A 86 -5.08 15.22 23.35
N PRO A 87 -5.81 15.48 24.44
CA PRO A 87 -5.12 15.90 25.67
C PRO A 87 -4.19 14.84 26.24
N PHE A 88 -4.55 13.56 26.12
CA PHE A 88 -3.68 12.50 26.61
C PHE A 88 -2.38 12.45 25.81
N LEU A 89 -2.46 12.59 24.49
CA LEU A 89 -1.26 12.60 23.67
C LEU A 89 -0.44 13.86 23.90
N ASP A 90 -1.10 15.01 24.03
CA ASP A 90 -0.40 16.26 24.28
C ASP A 90 0.24 16.29 25.66
N ALA A 91 -0.23 15.46 26.59
CA ALA A 91 0.31 15.44 27.95
C ALA A 91 1.65 14.71 28.04
N CYS A 92 2.13 14.09 26.97
CA CYS A 92 3.43 13.45 26.97
C CYS A 92 4.50 14.50 27.23
N PRO A 93 5.29 14.38 28.30
CA PRO A 93 6.22 15.47 28.67
C PRO A 93 7.34 15.70 27.67
N ILE A 94 7.61 14.73 26.80
CA ILE A 94 8.68 14.86 25.80
C ILE A 94 8.10 15.09 24.39
N ARG A 95 6.86 15.56 24.30
CA ARG A 95 6.19 15.66 23.01
C ARG A 95 6.87 16.68 22.10
N GLU A 96 7.28 17.82 22.65
CA GLU A 96 7.95 18.84 21.83
C GLU A 96 9.30 18.33 21.34
N LYS A 97 10.08 17.73 22.24
CA LYS A 97 11.34 17.12 21.83
C LYS A 97 11.13 16.06 20.76
N LEU A 98 10.07 15.25 20.91
CA LEU A 98 9.81 14.18 19.96
C LEU A 98 9.45 14.72 18.59
N SER A 99 8.54 15.69 18.54
CA SER A 99 8.14 16.26 17.24
C SER A 99 9.30 16.99 16.59
N SER A 100 10.12 17.69 17.37
CA SER A 100 11.26 18.40 16.82
C SER A 100 12.28 17.44 16.23
N ARG A 101 12.57 16.33 16.92
CA ARG A 101 13.56 15.38 16.44
C ARG A 101 13.07 14.64 15.20
N ILE A 102 11.79 14.24 15.18
CA ILE A 102 11.23 13.60 14.00
C ILE A 102 11.32 14.54 12.80
N THR A 103 10.97 15.82 13.01
CA THR A 103 11.02 16.79 11.93
C THR A 103 12.45 17.03 11.46
N GLU A 104 13.40 17.12 12.41
CA GLU A 104 14.79 17.35 12.04
C GLU A 104 15.36 16.17 11.26
N VAL A 105 15.08 14.95 11.71
CA VAL A 105 15.55 13.77 10.98
C VAL A 105 14.87 13.69 9.62
N TRP A 106 13.59 14.04 9.55
CA TRP A 106 12.84 14.02 8.29
C TRP A 106 13.35 15.05 7.29
N ASP A 107 13.95 16.14 7.78
CA ASP A 107 14.33 17.28 6.95
C ASP A 107 15.61 16.96 6.19
N TYR A 108 15.44 16.36 5.02
CA TYR A 108 16.54 16.14 4.08
C TYR A 108 15.96 16.12 2.67
N PRO A 109 16.72 16.57 1.69
CA PRO A 109 16.20 16.60 0.31
C PRO A 109 15.92 15.21 -0.21
N LYS A 110 14.75 15.03 -0.83
CA LYS A 110 14.32 13.76 -1.38
C LYS A 110 14.08 13.90 -2.88
N TYR A 111 14.38 12.83 -3.61
CA TYR A 111 14.26 12.82 -5.05
C TYR A 111 13.69 11.48 -5.52
N SER A 112 12.94 11.52 -6.61
CA SER A 112 12.60 10.31 -7.35
C SER A 112 13.64 10.10 -8.45
N CYS A 113 13.54 8.96 -9.13
CA CYS A 113 14.37 8.73 -10.29
C CYS A 113 13.97 9.73 -11.40
N PRO A 114 14.93 10.17 -12.20
CA PRO A 114 14.58 11.01 -13.35
C PRO A 114 13.99 10.15 -14.47
N GLY A 115 12.85 10.59 -15.00
CA GLY A 115 12.21 9.88 -16.09
C GLY A 115 12.28 10.64 -17.38
N ARG A 116 12.88 10.04 -18.41
CA ARG A 116 13.03 10.71 -19.69
C ARG A 116 11.72 10.67 -20.48
N HIS A 117 11.33 11.82 -21.03
CA HIS A 117 10.17 11.91 -21.90
C HIS A 117 10.55 12.89 -23.01
N GLY A 118 11.15 12.37 -24.07
CA GLY A 118 11.65 13.22 -25.13
C GLY A 118 12.99 13.80 -24.75
N GLU A 119 13.18 15.09 -25.00
CA GLU A 119 14.40 15.78 -24.61
C GLU A 119 14.42 16.22 -23.15
N TYR A 120 13.35 15.93 -22.40
CA TYR A 120 13.21 16.41 -21.03
C TYR A 120 13.17 15.24 -20.06
N PHE A 121 13.78 15.45 -18.90
CA PHE A 121 13.66 14.53 -17.77
C PHE A 121 12.72 15.14 -16.74
N TYR A 122 11.90 14.29 -16.13
CA TYR A 122 10.97 14.71 -15.08
C TYR A 122 11.26 13.92 -13.82
N TYR A 123 11.24 14.62 -12.68
CA TYR A 123 11.52 13.98 -11.41
C TYR A 123 10.79 14.72 -10.30
N TYR A 124 10.43 13.98 -9.26
CA TYR A 124 9.84 14.56 -8.06
C TYR A 124 10.94 14.95 -7.09
N HIS A 125 10.75 16.06 -6.39
CA HIS A 125 11.74 16.53 -5.44
C HIS A 125 11.03 17.24 -4.29
N ASN A 126 11.45 16.91 -3.06
CA ASN A 126 10.98 17.57 -1.86
C ASN A 126 12.20 18.18 -1.18
N THR A 127 12.15 19.49 -0.94
CA THR A 127 13.27 20.17 -0.28
C THR A 127 13.54 19.62 1.11
N GLY A 128 12.57 18.93 1.71
CA GLY A 128 12.77 18.33 3.01
C GLY A 128 11.48 18.12 3.77
N LEU A 129 10.67 19.18 3.90
CA LEU A 129 9.48 19.13 4.73
C LEU A 129 8.23 19.64 4.00
N GLN A 130 8.29 19.74 2.66
CA GLN A 130 7.12 20.13 1.91
C GLN A 130 6.02 19.08 2.07
N ASN A 131 4.78 19.54 2.12
CA ASN A 131 3.65 18.63 2.30
C ASN A 131 3.55 17.63 1.15
N GLN A 132 3.77 18.11 -0.08
CA GLN A 132 3.76 17.25 -1.26
C GLN A 132 5.04 17.50 -2.06
N SER A 133 5.55 16.43 -2.67
CA SER A 133 6.70 16.58 -3.55
C SER A 133 6.30 17.31 -4.81
N VAL A 134 7.26 18.03 -5.40
CA VAL A 134 7.04 18.86 -6.57
C VAL A 134 7.63 18.14 -7.78
N LEU A 135 6.90 18.17 -8.90
CA LEU A 135 7.36 17.57 -10.14
C LEU A 135 8.10 18.61 -10.96
N TYR A 136 9.36 18.33 -11.27
CA TYR A 136 10.21 19.24 -12.01
C TYR A 136 10.49 18.70 -13.40
N ALA A 137 10.82 19.61 -14.31
CA ALA A 137 11.21 19.27 -15.68
C ALA A 137 12.55 19.91 -15.98
N GLN A 138 13.40 19.20 -16.72
CA GLN A 138 14.70 19.72 -17.11
C GLN A 138 15.07 19.17 -18.48
N LYS A 139 15.58 20.06 -19.34
CA LYS A 139 15.98 19.69 -20.69
C LYS A 139 17.38 19.07 -20.65
N GLY A 140 17.43 17.82 -20.22
CA GLY A 140 18.70 17.14 -20.00
C GLY A 140 19.07 17.11 -18.54
N LEU A 141 19.85 16.09 -18.17
CA LEU A 141 20.22 15.89 -16.77
C LEU A 141 21.04 17.03 -16.21
N GLY A 142 21.75 17.78 -17.06
CA GLY A 142 22.57 18.88 -16.61
C GLY A 142 21.94 20.25 -16.69
N ALA A 143 20.66 20.34 -17.05
CA ALA A 143 20.00 21.62 -17.22
C ALA A 143 19.32 22.08 -15.92
N ASP A 144 19.13 23.39 -15.81
CA ASP A 144 18.42 23.93 -14.67
C ASP A 144 16.96 23.49 -14.72
N PRO A 145 16.41 22.95 -13.64
CA PRO A 145 15.03 22.46 -13.67
C PRO A 145 14.02 23.59 -13.53
N SER A 146 12.84 23.34 -14.08
CA SER A 146 11.70 24.24 -13.94
C SER A 146 10.58 23.49 -13.21
N VAL A 147 9.72 24.25 -12.54
CA VAL A 147 8.59 23.65 -11.82
C VAL A 147 7.51 23.29 -12.83
N PHE A 148 7.20 22.00 -12.92
CA PHE A 148 6.19 21.50 -13.84
C PHE A 148 4.83 21.33 -13.19
N LEU A 149 4.77 20.78 -11.98
CA LEU A 149 3.53 20.66 -11.24
C LEU A 149 3.86 20.67 -9.75
N ASP A 150 3.40 21.70 -9.05
CA ASP A 150 3.55 21.77 -7.59
C ASP A 150 2.18 21.51 -6.96
N PRO A 151 1.95 20.33 -6.38
CA PRO A 151 0.65 20.09 -5.73
C PRO A 151 0.41 20.98 -4.52
N ASN A 152 1.47 21.55 -3.91
CA ASN A 152 1.28 22.45 -2.78
C ASN A 152 0.56 23.72 -3.17
N SER A 153 0.60 24.12 -4.45
N SER A 153 0.60 24.11 -4.45
CA SER A 153 -0.12 25.29 -4.91
CA SER A 153 -0.11 25.29 -4.92
C SER A 153 -1.62 25.08 -4.96
C SER A 153 -1.62 25.07 -4.98
N LEU A 154 -2.09 23.84 -4.84
CA LEU A 154 -3.51 23.52 -4.92
C LEU A 154 -4.19 23.45 -3.56
N SER A 155 -3.43 23.48 -2.47
CA SER A 155 -4.03 23.36 -1.14
C SER A 155 -3.12 24.03 -0.12
N GLU A 156 -3.72 24.83 0.75
CA GLU A 156 -2.96 25.51 1.81
C GLU A 156 -2.41 24.53 2.83
N ASP A 157 -3.10 23.42 3.07
CA ASP A 157 -2.65 22.40 4.02
C ASP A 157 -2.12 21.14 3.33
N GLY A 158 -1.92 21.18 2.02
CA GLY A 158 -1.36 20.04 1.32
C GLY A 158 -2.25 18.82 1.28
N THR A 159 -3.57 19.00 1.36
CA THR A 159 -4.51 17.89 1.32
C THR A 159 -5.00 17.56 -0.08
N VAL A 160 -4.38 18.13 -1.11
CA VAL A 160 -4.59 17.73 -2.49
C VAL A 160 -3.32 17.05 -2.97
N SER A 161 -3.45 15.82 -3.45
CA SER A 161 -2.30 15.02 -3.82
C SER A 161 -2.50 14.42 -5.21
N LEU A 162 -1.37 14.11 -5.85
CA LEU A 162 -1.41 13.42 -7.14
C LEU A 162 -1.75 11.95 -6.92
N ARG A 163 -2.50 11.38 -7.87
CA ARG A 163 -2.81 9.96 -7.84
C ARG A 163 -2.90 9.48 -9.29
N GLY A 164 -1.78 8.99 -9.81
CA GLY A 164 -1.71 8.51 -11.17
C GLY A 164 -1.28 9.59 -12.16
N THR A 165 -0.26 9.29 -12.96
CA THR A 165 0.23 10.19 -13.99
C THR A 165 0.55 9.40 -15.24
N ALA A 166 0.49 10.07 -16.38
CA ALA A 166 0.78 9.42 -17.66
C ALA A 166 1.08 10.48 -18.70
N PHE A 167 2.28 10.44 -19.26
CA PHE A 167 2.63 11.29 -20.39
C PHE A 167 2.13 10.65 -21.69
N SER A 168 1.78 11.49 -22.65
CA SER A 168 1.46 10.99 -23.98
C SER A 168 2.72 10.43 -24.63
N GLU A 169 2.52 9.60 -25.66
CA GLU A 169 3.65 8.92 -26.28
C GLU A 169 4.60 9.89 -26.97
N ASN A 170 4.12 11.05 -27.40
CA ASN A 170 4.96 12.07 -28.01
C ASN A 170 5.49 13.08 -27.02
N ASP A 171 5.32 12.83 -25.72
CA ASP A 171 5.85 13.65 -24.62
C ASP A 171 5.26 15.05 -24.56
N GLN A 172 4.21 15.34 -25.33
CA GLN A 172 3.68 16.69 -25.41
C GLN A 172 2.52 16.95 -24.43
N PHE A 173 1.89 15.90 -23.93
CA PHE A 173 0.77 16.05 -23.01
C PHE A 173 1.00 15.22 -21.76
N PHE A 174 0.39 15.65 -20.66
CA PHE A 174 0.59 15.03 -19.35
C PHE A 174 -0.76 14.94 -18.66
N ALA A 175 -1.22 13.72 -18.43
CA ALA A 175 -2.44 13.47 -17.68
C ALA A 175 -2.07 13.09 -16.25
N TYR A 176 -2.89 13.54 -15.30
CA TYR A 176 -2.63 13.29 -13.89
C TYR A 176 -3.93 13.31 -13.11
N GLY A 177 -3.98 12.50 -12.06
CA GLY A 177 -5.12 12.44 -11.18
C GLY A 177 -4.88 13.25 -9.92
N LEU A 178 -5.94 13.88 -9.42
CA LEU A 178 -5.90 14.65 -8.19
C LEU A 178 -6.90 14.07 -7.22
N SER A 179 -6.47 13.86 -5.97
CA SER A 179 -7.34 13.37 -4.91
C SER A 179 -7.40 14.40 -3.80
N LYS A 180 -8.60 14.63 -3.27
CA LYS A 180 -8.84 15.64 -2.25
C LYS A 180 -9.05 14.96 -0.90
N SER A 181 -8.34 15.45 0.11
CA SER A 181 -8.51 15.00 1.50
C SER A 181 -8.22 13.52 1.67
N GLY A 182 -7.37 12.95 0.82
CA GLY A 182 -6.98 11.56 0.95
C GLY A 182 -7.97 10.55 0.43
N SER A 183 -9.02 10.97 -0.26
CA SER A 183 -10.01 10.04 -0.78
C SER A 183 -9.48 9.31 -2.00
N ASP A 184 -10.03 8.11 -2.23
CA ASP A 184 -9.68 7.35 -3.43
C ASP A 184 -10.27 7.97 -4.70
N TRP A 185 -11.28 8.83 -4.55
CA TRP A 185 -11.85 9.49 -5.71
C TRP A 185 -10.81 10.37 -6.40
N VAL A 186 -10.86 10.39 -7.73
CA VAL A 186 -9.82 11.04 -8.54
C VAL A 186 -10.50 11.95 -9.56
N THR A 187 -9.91 13.12 -9.77
CA THR A 187 -10.23 13.98 -10.91
C THR A 187 -9.00 14.01 -11.82
N ILE A 188 -9.18 13.59 -13.06
CA ILE A 188 -8.08 13.57 -14.03
C ILE A 188 -8.05 14.89 -14.77
N LYS A 189 -6.89 15.54 -14.76
CA LYS A 189 -6.68 16.79 -15.47
C LYS A 189 -5.48 16.64 -16.40
N PHE A 190 -5.28 17.64 -17.26
CA PHE A 190 -4.30 17.55 -18.34
C PHE A 190 -3.48 18.82 -18.40
N LYS A 191 -2.21 18.66 -18.78
CA LYS A 191 -1.30 19.77 -18.98
C LYS A 191 -0.51 19.56 -20.25
N LYS A 192 -0.06 20.66 -20.84
CA LYS A 192 0.93 20.60 -21.90
C LYS A 192 2.31 20.42 -21.28
N ALA A 193 3.12 19.56 -21.89
CA ALA A 193 4.47 19.34 -21.41
C ALA A 193 5.47 19.85 -22.44
N PRO A 194 6.59 20.45 -22.00
CA PRO A 194 7.02 20.62 -20.61
C PRO A 194 6.57 21.93 -19.96
N SER A 195 5.75 22.72 -20.66
CA SER A 195 5.40 24.05 -20.15
C SER A 195 4.59 23.96 -18.86
N GLY A 196 3.79 22.91 -18.70
CA GLY A 196 2.89 22.82 -17.57
C GLY A 196 1.63 23.63 -17.71
N GLU A 197 1.37 24.23 -18.88
CA GLU A 197 0.17 25.01 -19.08
C GLU A 197 -1.05 24.09 -19.13
N ASP A 198 -2.12 24.53 -18.48
CA ASP A 198 -3.28 23.67 -18.27
C ASP A 198 -4.14 23.58 -19.52
N LEU A 199 -4.67 22.38 -19.77
CA LEU A 199 -5.73 22.13 -20.72
C LEU A 199 -7.06 22.08 -19.97
N PRO A 200 -8.18 22.36 -20.66
CA PRO A 200 -9.47 22.40 -19.95
C PRO A 200 -10.02 21.04 -19.58
N ASP A 201 -9.50 19.96 -20.16
CA ASP A 201 -10.09 18.64 -19.98
C ASP A 201 -10.09 18.22 -18.51
N THR A 202 -11.26 17.83 -18.02
CA THR A 202 -11.44 17.44 -16.62
C THR A 202 -12.37 16.23 -16.57
N LEU A 203 -11.90 15.14 -15.97
CA LEU A 203 -12.64 13.89 -15.91
C LEU A 203 -12.99 13.60 -14.45
N GLU A 204 -14.28 13.46 -14.16
CA GLU A 204 -14.76 13.27 -12.80
C GLU A 204 -15.19 11.82 -12.56
N ARG A 205 -15.42 11.51 -11.29
CA ARG A 205 -15.86 10.19 -10.84
C ARG A 205 -14.87 9.08 -11.21
N VAL A 206 -13.60 9.44 -11.30
CA VAL A 206 -12.53 8.49 -11.60
C VAL A 206 -12.09 7.80 -10.32
N LYS A 207 -11.91 6.48 -10.39
CA LYS A 207 -11.52 5.71 -9.22
C LYS A 207 -10.92 4.39 -9.66
N PHE A 208 -9.81 3.99 -9.02
CA PHE A 208 -9.09 2.75 -9.33
C PHE A 208 -8.89 2.60 -10.83
N SER A 209 -8.32 3.64 -11.43
CA SER A 209 -8.42 3.85 -12.87
C SER A 209 -7.11 3.57 -13.59
N SER A 210 -7.26 3.15 -14.85
CA SER A 210 -6.16 3.14 -15.78
C SER A 210 -5.90 4.54 -16.30
N MET A 211 -4.80 4.68 -17.05
CA MET A 211 -4.46 5.96 -17.66
C MET A 211 -3.57 5.69 -18.86
N ALA A 212 -4.16 5.24 -19.97
CA ALA A 212 -3.43 4.69 -21.11
C ALA A 212 -3.70 5.54 -22.35
N TRP A 213 -2.70 6.28 -22.79
CA TRP A 213 -2.81 7.07 -24.00
C TRP A 213 -2.77 6.17 -25.23
N THR A 214 -3.57 6.50 -26.23
CA THR A 214 -3.39 5.93 -27.55
C THR A 214 -2.26 6.67 -28.27
N HIS A 215 -1.54 5.95 -29.12
CA HIS A 215 -0.34 6.50 -29.73
C HIS A 215 -0.62 7.51 -30.84
N ASP A 216 -1.89 7.80 -31.13
CA ASP A 216 -2.23 8.95 -31.97
C ASP A 216 -2.27 10.24 -31.17
N HIS A 217 -1.98 10.20 -29.88
CA HIS A 217 -1.96 11.37 -29.00
C HIS A 217 -3.31 12.08 -28.93
N LYS A 218 -4.40 11.38 -29.27
CA LYS A 218 -5.72 12.00 -29.31
C LYS A 218 -6.55 11.78 -28.06
N GLY A 219 -6.17 10.84 -27.20
CA GLY A 219 -6.94 10.61 -25.99
C GLY A 219 -6.36 9.47 -25.18
N LEU A 220 -7.08 9.09 -24.13
CA LEU A 220 -6.62 8.02 -23.25
C LEU A 220 -7.79 7.20 -22.71
N PHE A 221 -7.49 5.98 -22.28
CA PHE A 221 -8.45 5.13 -21.60
C PHE A 221 -8.35 5.36 -20.09
N TYR A 222 -9.51 5.36 -19.43
CA TYR A 222 -9.57 5.53 -17.99
C TYR A 222 -10.81 4.85 -17.47
N ASN A 223 -10.89 4.70 -16.14
CA ASN A 223 -12.00 4.05 -15.49
C ASN A 223 -12.78 5.05 -14.65
N ARG A 224 -14.09 4.85 -14.58
CA ARG A 224 -14.94 5.70 -13.77
C ARG A 224 -16.21 4.94 -13.42
N TYR A 225 -16.89 5.42 -12.39
CA TYR A 225 -18.16 4.86 -11.94
C TYR A 225 -19.29 5.80 -12.30
N LEU A 226 -20.42 5.23 -12.71
CA LEU A 226 -21.59 6.04 -13.01
C LEU A 226 -22.20 6.59 -11.72
N GLU A 227 -23.19 7.46 -11.88
CA GLU A 227 -23.75 8.19 -10.75
C GLU A 227 -24.31 7.24 -9.69
N GLN A 228 -24.32 7.71 -8.45
CA GLN A 228 -24.77 6.91 -7.32
C GLN A 228 -25.55 7.79 -6.36
N GLN A 229 -26.37 7.15 -5.54
CA GLN A 229 -27.13 7.86 -4.52
C GLN A 229 -26.19 8.40 -3.44
N GLY A 230 -26.41 9.64 -3.05
CA GLY A 230 -25.65 10.23 -1.97
C GLY A 230 -24.37 10.90 -2.43
N LYS A 231 -23.47 11.07 -1.46
CA LYS A 231 -22.22 11.79 -1.68
C LYS A 231 -21.18 10.88 -2.34
N SER A 232 -20.19 11.53 -2.98
CA SER A 232 -19.03 10.85 -3.55
C SER A 232 -17.81 11.74 -3.29
N ASP A 233 -17.43 11.86 -2.02
CA ASP A 233 -16.30 12.70 -1.63
C ASP A 233 -15.31 12.03 -0.69
N GLY A 234 -15.50 10.76 -0.35
CA GLY A 234 -14.63 10.07 0.57
C GLY A 234 -15.22 9.85 1.95
N THR A 235 -16.29 10.57 2.30
CA THR A 235 -16.96 10.37 3.58
C THR A 235 -18.11 9.39 3.50
N GLU A 236 -18.54 9.01 2.31
CA GLU A 236 -19.61 8.04 2.15
C GLU A 236 -19.07 6.62 2.29
N THR A 237 -19.97 5.70 2.59
CA THR A 237 -19.64 4.28 2.69
C THR A 237 -20.18 3.47 1.52
N THR A 238 -20.71 4.13 0.50
CA THR A 238 -21.43 3.45 -0.57
C THR A 238 -20.50 2.49 -1.34
N MET A 239 -20.99 1.28 -1.57
CA MET A 239 -20.22 0.27 -2.29
C MET A 239 -20.01 0.68 -3.74
N ASN A 240 -18.82 0.39 -4.26
CA ASN A 240 -18.46 0.71 -5.64
C ASN A 240 -18.53 -0.55 -6.48
N VAL A 241 -19.48 -0.58 -7.42
CA VAL A 241 -19.63 -1.69 -8.36
C VAL A 241 -19.81 -1.12 -9.76
N ASP A 242 -19.71 -2.02 -10.75
CA ASP A 242 -19.95 -1.67 -12.15
C ASP A 242 -18.97 -0.61 -12.65
N GLN A 243 -17.68 -0.84 -12.42
CA GLN A 243 -16.66 0.06 -12.93
C GLN A 243 -16.63 -0.02 -14.45
N LYS A 244 -16.59 1.13 -15.10
CA LYS A 244 -16.61 1.23 -16.55
C LYS A 244 -15.23 1.63 -17.06
N LEU A 245 -14.96 1.26 -18.31
CA LEU A 245 -13.78 1.72 -19.03
C LEU A 245 -14.23 2.69 -20.10
N PHE A 246 -13.71 3.92 -20.05
CA PHE A 246 -14.08 4.96 -20.99
C PHE A 246 -12.84 5.40 -21.77
N TYR A 247 -13.10 6.05 -22.91
CA TYR A 247 -12.05 6.67 -23.71
C TYR A 247 -12.40 8.14 -23.87
N HIS A 248 -11.53 9.01 -23.36
CA HIS A 248 -11.72 10.46 -23.47
C HIS A 248 -10.84 11.00 -24.57
N ARG A 249 -11.43 11.83 -25.45
CA ARG A 249 -10.67 12.49 -26.50
C ARG A 249 -10.28 13.89 -26.03
N LEU A 250 -9.02 14.25 -26.25
CA LEU A 250 -8.54 15.57 -25.89
C LEU A 250 -9.34 16.64 -26.63
N GLY A 251 -9.70 17.70 -25.92
CA GLY A 251 -10.46 18.79 -26.50
C GLY A 251 -11.96 18.61 -26.51
N THR A 252 -12.49 17.63 -25.78
CA THR A 252 -13.93 17.40 -25.69
C THR A 252 -14.35 17.38 -24.24
N ASP A 253 -15.65 17.55 -24.02
CA ASP A 253 -16.22 17.40 -22.69
C ASP A 253 -16.31 15.93 -22.32
N GLN A 254 -16.28 15.65 -21.02
CA GLN A 254 -16.35 14.27 -20.55
C GLN A 254 -17.66 13.60 -20.97
N SER A 255 -18.72 14.38 -21.17
CA SER A 255 -19.98 13.82 -21.63
C SER A 255 -19.87 13.16 -22.99
N GLU A 256 -18.83 13.48 -23.76
CA GLU A 256 -18.62 12.88 -25.08
C GLU A 256 -17.75 11.63 -25.02
N ASP A 257 -17.28 11.24 -23.84
CA ASP A 257 -16.40 10.08 -23.73
C ASP A 257 -17.12 8.81 -24.17
N VAL A 258 -16.37 7.91 -24.78
CA VAL A 258 -16.92 6.67 -25.33
C VAL A 258 -16.78 5.56 -24.29
N LEU A 259 -17.90 4.92 -23.96
CA LEU A 259 -17.86 3.72 -23.12
C LEU A 259 -17.32 2.57 -23.96
N VAL A 260 -16.10 2.13 -23.65
CA VAL A 260 -15.43 1.12 -24.46
C VAL A 260 -15.49 -0.28 -23.88
N ALA A 261 -15.73 -0.43 -22.58
CA ALA A 261 -15.78 -1.75 -21.97
C ALA A 261 -16.61 -1.69 -20.70
N GLU A 262 -17.45 -2.71 -20.52
CA GLU A 262 -18.24 -2.86 -19.30
C GLU A 262 -18.68 -4.31 -19.21
N PHE A 263 -18.88 -4.78 -17.99
CA PHE A 263 -19.31 -6.15 -17.73
C PHE A 263 -20.42 -6.13 -16.67
N PRO A 264 -21.63 -5.71 -17.06
CA PRO A 264 -22.73 -5.62 -16.08
C PRO A 264 -23.15 -6.96 -15.51
N GLU A 265 -22.85 -8.08 -16.18
CA GLU A 265 -23.10 -9.39 -15.62
C GLU A 265 -22.09 -9.77 -14.54
N HIS A 266 -21.05 -8.97 -14.35
CA HIS A 266 -20.05 -9.19 -13.30
C HIS A 266 -19.73 -7.83 -12.68
N PRO A 267 -20.57 -7.36 -11.77
CA PRO A 267 -20.42 -5.99 -11.26
C PRO A 267 -19.14 -5.77 -10.47
N ARG A 268 -18.47 -6.82 -10.01
CA ARG A 268 -17.23 -6.67 -9.26
C ARG A 268 -15.98 -6.76 -10.15
N TRP A 269 -16.15 -7.06 -11.43
CA TRP A 269 -15.01 -7.06 -12.34
C TRP A 269 -14.50 -5.64 -12.52
N MET A 270 -13.18 -5.49 -12.59
CA MET A 270 -12.54 -4.20 -12.78
C MET A 270 -11.58 -4.31 -13.96
N ILE A 271 -11.66 -3.34 -14.87
CA ILE A 271 -11.08 -3.45 -16.20
C ILE A 271 -9.80 -2.61 -16.22
N GLY A 272 -8.66 -3.28 -16.17
CA GLY A 272 -7.39 -2.60 -16.39
C GLY A 272 -7.10 -2.47 -17.88
N ALA A 273 -6.60 -1.29 -18.27
CA ALA A 273 -6.36 -0.98 -19.67
C ALA A 273 -4.94 -0.46 -19.84
N GLU A 274 -4.23 -0.99 -20.82
CA GLU A 274 -2.89 -0.54 -21.16
C GLU A 274 -2.69 -0.68 -22.65
N VAL A 275 -2.03 0.30 -23.25
CA VAL A 275 -1.73 0.29 -24.68
C VAL A 275 -0.32 -0.25 -24.86
N SER A 276 -0.15 -1.16 -25.81
CA SER A 276 1.13 -1.82 -26.01
C SER A 276 2.23 -0.81 -26.36
N ASP A 277 3.47 -1.25 -26.23
CA ASP A 277 4.62 -0.36 -26.41
C ASP A 277 4.66 0.22 -27.82
N CYS A 278 4.14 -0.51 -28.81
CA CYS A 278 4.09 -0.01 -30.18
C CYS A 278 2.80 0.71 -30.51
N GLY A 279 1.82 0.69 -29.59
CA GLY A 279 0.57 1.41 -29.77
C GLY A 279 -0.49 0.65 -30.53
N ARG A 280 -0.22 -0.57 -30.99
CA ARG A 280 -1.18 -1.28 -31.82
C ARG A 280 -2.31 -1.91 -31.00
N TYR A 281 -1.99 -2.43 -29.81
CA TYR A 281 -2.91 -3.26 -29.06
C TYR A 281 -3.36 -2.57 -27.78
N LEU A 282 -4.63 -2.73 -27.45
CA LEU A 282 -5.15 -2.41 -26.13
C LEU A 282 -5.18 -3.69 -25.31
N VAL A 283 -4.42 -3.73 -24.22
CA VAL A 283 -4.33 -4.90 -23.36
C VAL A 283 -5.31 -4.72 -22.21
N MET A 284 -6.31 -5.61 -22.14
CA MET A 284 -7.32 -5.56 -21.10
C MET A 284 -7.05 -6.64 -20.07
N THR A 285 -6.74 -6.22 -18.84
CA THR A 285 -6.48 -7.13 -17.73
C THR A 285 -7.62 -6.96 -16.73
N ILE A 286 -8.46 -7.98 -16.62
CA ILE A 286 -9.68 -7.92 -15.81
C ILE A 286 -9.45 -8.64 -14.49
N HIS A 287 -9.77 -7.97 -13.39
CA HIS A 287 -9.61 -8.51 -12.06
C HIS A 287 -10.96 -8.61 -11.36
N GLU A 288 -11.05 -9.56 -10.43
CA GLU A 288 -12.18 -9.66 -9.51
C GLU A 288 -11.59 -10.08 -8.17
N GLY A 289 -11.49 -9.13 -7.25
CA GLY A 289 -10.82 -9.39 -6.00
C GLY A 289 -9.37 -8.94 -6.02
N CYS A 290 -8.63 -9.39 -5.01
CA CYS A 290 -7.26 -8.95 -4.78
C CYS A 290 -6.23 -10.04 -5.00
N ASP A 291 -6.63 -11.22 -5.49
CA ASP A 291 -5.67 -12.26 -5.78
C ASP A 291 -4.80 -11.87 -6.97
N PRO A 292 -3.55 -12.30 -7.01
CA PRO A 292 -2.70 -12.02 -8.19
C PRO A 292 -3.08 -12.88 -9.38
N VAL A 293 -4.29 -12.66 -9.88
CA VAL A 293 -4.81 -13.35 -11.06
C VAL A 293 -5.61 -12.33 -11.88
N ASN A 294 -5.75 -12.61 -13.17
CA ASN A 294 -6.52 -11.72 -14.03
C ASN A 294 -6.83 -12.42 -15.35
N ARG A 295 -7.95 -12.04 -15.95
CA ARG A 295 -8.25 -12.40 -17.31
C ARG A 295 -7.42 -11.54 -18.25
N LEU A 296 -7.29 -12.01 -19.50
CA LEU A 296 -6.45 -11.32 -20.48
C LEU A 296 -7.20 -11.26 -21.81
N TYR A 297 -7.73 -10.08 -22.12
CA TYR A 297 -8.32 -9.79 -23.42
C TYR A 297 -7.47 -8.75 -24.13
N TYR A 298 -7.72 -8.58 -25.42
CA TYR A 298 -7.02 -7.55 -26.18
C TYR A 298 -7.87 -7.07 -27.34
N VAL A 299 -7.55 -5.87 -27.81
CA VAL A 299 -8.17 -5.28 -29.00
C VAL A 299 -7.05 -4.80 -29.91
N ASP A 300 -7.10 -5.20 -31.18
CA ASP A 300 -6.16 -4.70 -32.17
C ASP A 300 -6.65 -3.33 -32.63
N LEU A 301 -6.08 -2.27 -32.04
CA LEU A 301 -6.58 -0.92 -32.31
C LEU A 301 -6.30 -0.51 -33.75
N LYS A 302 -5.14 -0.88 -34.28
CA LYS A 302 -4.75 -0.44 -35.62
C LYS A 302 -5.58 -1.11 -36.70
N SER A 303 -5.93 -2.38 -36.50
CA SER A 303 -6.75 -3.12 -37.44
C SER A 303 -8.23 -2.73 -37.37
N MET A 304 -8.62 -1.88 -36.42
CA MET A 304 -10.01 -1.45 -36.35
C MET A 304 -10.40 -0.67 -37.60
N GLN A 305 -11.58 -0.99 -38.14
CA GLN A 305 -12.03 -0.34 -39.35
C GLN A 305 -12.25 1.15 -39.15
N ASN A 306 -12.64 1.56 -37.95
CA ASN A 306 -12.98 2.95 -37.68
C ASN A 306 -12.41 3.36 -36.34
N GLU A 307 -12.54 4.65 -36.04
CA GLU A 307 -12.06 5.19 -34.78
C GLU A 307 -12.91 4.67 -33.62
N ILE A 308 -12.43 4.90 -32.40
CA ILE A 308 -13.14 4.47 -31.20
C ILE A 308 -14.46 5.21 -31.12
N ARG A 309 -15.56 4.47 -31.10
CA ARG A 309 -16.88 5.07 -31.16
C ARG A 309 -17.91 4.32 -30.33
N GLY A 310 -17.56 3.15 -29.82
CA GLY A 310 -18.48 2.38 -29.03
C GLY A 310 -17.77 1.30 -28.23
N VAL A 311 -18.58 0.37 -27.71
CA VAL A 311 -18.03 -0.75 -26.97
C VAL A 311 -17.15 -1.58 -27.90
N LEU A 312 -15.91 -1.81 -27.49
CA LEU A 312 -14.93 -2.44 -28.35
C LEU A 312 -15.09 -3.95 -28.35
N SER A 313 -15.01 -4.54 -29.54
CA SER A 313 -14.94 -5.99 -29.67
C SER A 313 -13.52 -6.45 -29.36
N TYR A 314 -13.40 -7.43 -28.47
CA TYR A 314 -12.10 -7.89 -28.01
C TYR A 314 -11.92 -9.37 -28.32
N VAL A 315 -10.68 -9.82 -28.19
CA VAL A 315 -10.32 -11.23 -28.34
C VAL A 315 -9.85 -11.73 -26.97
N LYS A 316 -10.38 -12.87 -26.55
CA LYS A 316 -10.04 -13.45 -25.25
C LYS A 316 -8.80 -14.32 -25.40
N ILE A 317 -7.75 -13.99 -24.65
CA ILE A 317 -6.58 -14.84 -24.56
C ILE A 317 -6.67 -15.79 -23.36
N VAL A 318 -7.01 -15.25 -22.20
CA VAL A 318 -7.23 -16.04 -20.99
C VAL A 318 -8.60 -15.69 -20.45
N ASP A 319 -9.51 -16.67 -20.44
CA ASP A 319 -10.88 -16.43 -20.02
C ASP A 319 -11.16 -17.08 -18.67
N ASN A 320 -10.30 -16.83 -17.69
CA ASN A 320 -10.49 -17.37 -16.34
C ASN A 320 -9.64 -16.54 -15.38
N PHE A 321 -9.76 -16.84 -14.08
CA PHE A 321 -8.99 -16.20 -13.02
C PHE A 321 -7.96 -17.16 -12.41
N ASP A 322 -7.37 -18.02 -13.25
CA ASP A 322 -6.47 -19.04 -12.72
C ASP A 322 -5.09 -18.50 -12.41
N ALA A 323 -4.62 -17.48 -13.11
CA ALA A 323 -3.24 -17.03 -12.96
C ALA A 323 -3.12 -15.56 -13.34
N GLU A 324 -1.98 -14.98 -12.96
CA GLU A 324 -1.66 -13.61 -13.31
C GLU A 324 -1.07 -13.56 -14.72
N TYR A 325 -1.38 -12.48 -15.44
CA TYR A 325 -0.77 -12.21 -16.74
C TYR A 325 -0.49 -10.71 -16.80
N GLU A 326 0.72 -10.33 -16.45
CA GLU A 326 1.13 -8.93 -16.32
C GLU A 326 2.00 -8.57 -17.51
N TYR A 327 1.55 -7.58 -18.29
CA TYR A 327 2.21 -7.22 -19.54
C TYR A 327 3.59 -6.62 -19.25
N ILE A 328 4.61 -7.16 -19.93
CA ILE A 328 5.97 -6.62 -19.84
C ILE A 328 6.27 -5.82 -21.08
N THR A 329 6.23 -6.48 -22.24
CA THR A 329 6.47 -5.83 -23.52
C THR A 329 5.96 -6.76 -24.62
N ASN A 330 6.04 -6.28 -25.86
CA ASN A 330 5.68 -7.08 -27.01
C ASN A 330 6.55 -6.68 -28.20
N ASP A 331 6.91 -7.67 -29.01
CA ASP A 331 7.61 -7.46 -30.26
C ASP A 331 6.67 -7.97 -31.35
N GLY A 332 5.96 -7.05 -31.99
CA GLY A 332 4.94 -7.47 -32.94
C GLY A 332 3.81 -8.17 -32.20
N SER A 333 3.47 -9.37 -32.65
CA SER A 333 2.36 -10.10 -32.06
C SER A 333 2.79 -10.97 -30.88
N LYS A 334 4.08 -11.06 -30.58
CA LYS A 334 4.59 -11.89 -29.50
C LYS A 334 4.68 -11.05 -28.23
N PHE A 335 3.89 -11.41 -27.22
CA PHE A 335 3.78 -10.65 -25.98
C PHE A 335 4.48 -11.40 -24.85
N THR A 336 5.18 -10.64 -24.01
CA THR A 336 5.86 -11.19 -22.84
C THR A 336 5.07 -10.82 -21.59
N PHE A 337 4.76 -11.81 -20.77
CA PHE A 337 3.97 -11.61 -19.56
C PHE A 337 4.69 -12.23 -18.37
N LYS A 338 4.58 -11.58 -17.21
CA LYS A 338 4.89 -12.23 -15.96
C LYS A 338 3.66 -12.99 -15.49
N THR A 339 3.87 -14.21 -15.01
CA THR A 339 2.76 -15.07 -14.64
C THR A 339 3.15 -15.91 -13.43
N ASN A 340 2.12 -16.38 -12.72
CA ASN A 340 2.28 -17.37 -11.66
C ASN A 340 1.62 -18.70 -12.01
N LEU A 341 1.28 -18.90 -13.29
CA LEU A 341 0.66 -20.13 -13.74
C LEU A 341 1.59 -21.31 -13.49
N ASN A 342 1.22 -22.17 -12.55
CA ASN A 342 2.04 -23.32 -12.16
C ASN A 342 3.44 -22.89 -11.70
N ALA A 343 3.54 -21.67 -11.17
CA ALA A 343 4.83 -21.11 -10.74
C ALA A 343 4.54 -20.10 -9.62
N SER A 344 4.46 -20.62 -8.39
CA SER A 344 4.12 -19.78 -7.25
C SER A 344 5.15 -18.68 -6.99
N ARG A 345 6.38 -18.85 -7.48
CA ARG A 345 7.41 -17.82 -7.36
C ARG A 345 7.56 -16.98 -8.62
N TYR A 346 6.65 -17.15 -9.58
CA TYR A 346 6.54 -16.31 -10.77
C TYR A 346 7.62 -16.57 -11.81
N LYS A 347 7.29 -16.28 -13.07
CA LYS A 347 8.18 -16.49 -14.21
C LYS A 347 7.68 -15.61 -15.35
N LEU A 348 8.43 -15.62 -16.45
CA LEU A 348 8.06 -14.90 -17.66
C LEU A 348 7.74 -15.88 -18.76
N ILE A 349 6.61 -15.66 -19.44
CA ILE A 349 6.19 -16.48 -20.56
C ILE A 349 5.93 -15.59 -21.78
N ASN A 350 5.93 -16.21 -22.95
CA ASN A 350 5.64 -15.53 -24.20
C ASN A 350 4.36 -16.09 -24.80
N ILE A 351 3.41 -15.20 -25.09
CA ILE A 351 2.17 -15.56 -25.77
C ILE A 351 2.12 -14.76 -27.06
N ASP A 352 1.98 -15.47 -28.18
CA ASP A 352 1.84 -14.83 -29.49
C ASP A 352 0.36 -14.75 -29.82
N PHE A 353 -0.13 -13.52 -30.04
CA PHE A 353 -1.55 -13.32 -30.32
C PHE A 353 -1.97 -13.94 -31.64
N ALA A 354 -1.03 -14.26 -32.53
CA ALA A 354 -1.35 -14.91 -33.78
C ALA A 354 -1.55 -16.42 -33.63
N ASP A 355 -1.09 -17.00 -32.53
CA ASP A 355 -1.33 -18.41 -32.22
C ASP A 355 -1.51 -18.53 -30.72
N PRO A 356 -2.63 -18.05 -30.19
CA PRO A 356 -2.72 -17.77 -28.75
C PRO A 356 -3.13 -18.95 -27.89
N ASP A 357 -3.35 -20.14 -28.46
CA ASP A 357 -3.73 -21.28 -27.62
C ASP A 357 -2.60 -21.61 -26.66
N GLN A 358 -2.97 -22.10 -25.47
CA GLN A 358 -2.00 -22.34 -24.41
C GLN A 358 -0.92 -23.33 -24.83
N SER A 359 -1.24 -24.23 -25.76
CA SER A 359 -0.26 -25.19 -26.24
C SER A 359 0.91 -24.52 -26.95
N ASN A 360 0.77 -23.26 -27.34
CA ASN A 360 1.84 -22.53 -28.03
C ASN A 360 2.64 -21.62 -27.11
N TRP A 361 2.21 -21.44 -25.86
CA TRP A 361 2.93 -20.58 -24.94
C TRP A 361 4.30 -21.17 -24.63
N GLN A 362 5.29 -20.29 -24.46
CA GLN A 362 6.66 -20.69 -24.19
C GLN A 362 7.17 -19.95 -22.96
N THR A 363 7.93 -20.67 -22.13
CA THR A 363 8.58 -20.05 -20.99
C THR A 363 9.80 -19.26 -21.46
N LEU A 364 9.86 -17.98 -21.09
CA LEU A 364 10.99 -17.13 -21.44
C LEU A 364 12.04 -17.07 -20.35
N VAL A 365 11.63 -16.91 -19.09
CA VAL A 365 12.52 -16.94 -17.95
C VAL A 365 11.97 -17.95 -16.95
N ASP A 366 12.76 -18.98 -16.63
CA ASP A 366 12.29 -20.03 -15.74
C ASP A 366 11.98 -19.48 -14.36
N GLU A 367 11.04 -20.13 -13.69
CA GLU A 367 10.78 -19.82 -12.29
C GLU A 367 12.00 -20.18 -11.46
N ASP A 368 12.37 -19.28 -10.56
CA ASP A 368 13.45 -19.56 -9.62
C ASP A 368 12.98 -20.53 -8.54
N GLU A 369 13.91 -21.40 -8.13
CA GLU A 369 13.58 -22.41 -7.12
C GLU A 369 13.39 -21.80 -5.73
N LYS A 370 13.87 -20.57 -5.52
CA LYS A 370 13.80 -20.00 -4.18
C LYS A 370 13.27 -18.57 -4.18
N SER A 371 13.73 -17.76 -5.13
CA SER A 371 13.44 -16.33 -5.15
C SER A 371 12.15 -16.02 -5.91
N VAL A 372 11.45 -14.98 -5.45
CA VAL A 372 10.21 -14.53 -6.07
C VAL A 372 10.53 -13.45 -7.09
N LEU A 373 10.06 -13.63 -8.32
CA LEU A 373 10.19 -12.62 -9.35
C LEU A 373 9.13 -11.55 -9.11
N GLU A 374 9.57 -10.35 -8.72
CA GLU A 374 8.62 -9.31 -8.35
C GLU A 374 8.11 -8.54 -9.57
N TRP A 375 9.00 -8.13 -10.46
CA TRP A 375 8.61 -7.41 -11.65
C TRP A 375 9.69 -7.52 -12.70
N ALA A 376 9.32 -7.16 -13.93
CA ALA A 376 10.24 -7.14 -15.06
C ALA A 376 9.92 -5.93 -15.92
N ALA A 377 10.95 -5.36 -16.53
CA ALA A 377 10.80 -4.19 -17.38
C ALA A 377 11.73 -4.31 -18.58
N CYS A 378 11.25 -3.89 -19.73
CA CYS A 378 12.02 -3.94 -20.97
C CYS A 378 12.64 -2.58 -21.24
N VAL A 379 13.94 -2.57 -21.55
CA VAL A 379 14.68 -1.34 -21.83
C VAL A 379 15.64 -1.61 -22.97
N ASN A 380 15.88 -0.57 -23.78
CA ASN A 380 16.79 -0.63 -24.92
C ASN A 380 16.40 -1.75 -25.89
N LYS A 381 15.12 -1.77 -26.25
CA LYS A 381 14.58 -2.65 -27.29
C LYS A 381 14.51 -4.12 -26.88
N ASP A 382 15.63 -4.72 -26.44
CA ASP A 382 15.65 -6.16 -26.24
C ASP A 382 16.36 -6.59 -24.96
N LYS A 383 16.34 -5.74 -23.94
CA LYS A 383 16.94 -6.09 -22.65
C LYS A 383 15.90 -6.00 -21.55
N LEU A 384 16.01 -6.89 -20.57
CA LEU A 384 15.01 -7.03 -19.50
C LEU A 384 15.68 -6.80 -18.16
N ILE A 385 15.06 -5.99 -17.32
CA ILE A 385 15.47 -5.81 -15.94
C ILE A 385 14.51 -6.61 -15.06
N LEU A 386 15.04 -7.60 -14.36
CA LEU A 386 14.26 -8.48 -13.50
C LEU A 386 14.62 -8.23 -12.05
N CYS A 387 13.60 -8.00 -11.22
CA CYS A 387 13.79 -7.75 -9.80
C CYS A 387 13.25 -8.94 -9.03
N TYR A 388 14.11 -9.56 -8.23
CA TYR A 388 13.74 -10.72 -7.41
C TYR A 388 13.74 -10.34 -5.95
N LEU A 389 12.99 -11.10 -5.16
CA LEU A 389 12.99 -11.01 -3.71
C LEU A 389 13.52 -12.31 -3.15
N LYS A 390 14.72 -12.25 -2.56
CA LYS A 390 15.39 -13.43 -2.01
C LYS A 390 15.52 -13.23 -0.51
N ASP A 391 14.75 -14.00 0.25
CA ASP A 391 14.71 -13.86 1.71
C ASP A 391 14.42 -12.43 2.14
N VAL A 392 13.44 -11.88 1.50
CA VAL A 392 12.95 -10.56 1.82
C VAL A 392 13.94 -9.42 1.51
N LYS A 393 14.80 -9.70 0.53
CA LYS A 393 15.81 -8.77 0.06
C LYS A 393 15.77 -8.74 -1.46
N ASN A 394 15.86 -7.54 -2.01
CA ASN A 394 15.79 -7.38 -3.46
C ASN A 394 17.11 -7.62 -4.18
N GLU A 395 17.02 -8.23 -5.36
CA GLU A 395 18.15 -8.40 -6.27
C GLU A 395 17.70 -8.00 -7.67
N LEU A 396 18.66 -7.48 -8.45
CA LEU A 396 18.39 -7.02 -9.80
C LEU A 396 19.29 -7.75 -10.78
N TYR A 397 18.71 -8.16 -11.90
CA TYR A 397 19.43 -8.87 -12.95
C TYR A 397 19.02 -8.34 -14.31
N VAL A 398 19.94 -8.45 -15.27
CA VAL A 398 19.70 -8.07 -16.66
C VAL A 398 19.60 -9.33 -17.48
N HIS A 399 18.49 -9.49 -18.20
CA HIS A 399 18.27 -10.64 -19.08
C HIS A 399 18.07 -10.15 -20.51
N GLY A 400 18.28 -11.07 -21.45
CA GLY A 400 18.00 -10.80 -22.86
C GLY A 400 16.55 -11.12 -23.16
N LEU A 401 15.91 -10.23 -23.94
CA LEU A 401 14.51 -10.44 -24.27
C LEU A 401 14.33 -11.60 -25.25
N SER A 402 15.28 -11.77 -26.17
CA SER A 402 15.13 -12.79 -27.20
C SER A 402 15.21 -14.20 -26.61
N SER A 403 16.15 -14.42 -25.68
CA SER A 403 16.38 -15.75 -25.13
C SER A 403 15.94 -15.93 -23.69
N GLY A 404 15.73 -14.83 -22.95
CA GLY A 404 15.47 -14.93 -21.53
C GLY A 404 16.68 -15.26 -20.69
N SER A 405 17.85 -15.40 -21.30
CA SER A 405 19.04 -15.80 -20.57
C SER A 405 19.57 -14.66 -19.71
N ARG A 406 20.10 -15.01 -18.54
CA ARG A 406 20.65 -14.02 -17.63
C ARG A 406 22.02 -13.57 -18.12
N MET A 407 22.26 -12.27 -18.05
CA MET A 407 23.51 -11.68 -18.53
C MET A 407 24.33 -11.00 -17.45
N SER A 408 23.70 -10.44 -16.42
CA SER A 408 24.44 -9.71 -15.40
C SER A 408 23.54 -9.52 -14.18
N GLN A 409 24.19 -9.26 -13.04
CA GLN A 409 23.51 -8.86 -11.82
C GLN A 409 23.94 -7.45 -11.47
N LEU A 410 22.97 -6.60 -11.14
CA LEU A 410 23.25 -5.24 -10.70
C LEU A 410 23.40 -5.25 -9.18
N PRO A 411 24.56 -4.91 -8.64
CA PRO A 411 24.79 -5.10 -7.20
C PRO A 411 23.94 -4.14 -6.37
N LEU A 412 23.50 -4.64 -5.22
CA LEU A 412 22.70 -3.85 -4.28
C LEU A 412 23.09 -4.22 -2.87
N GLU A 413 22.92 -3.28 -1.95
CA GLU A 413 23.02 -3.61 -0.54
C GLU A 413 21.74 -4.29 -0.09
N VAL A 414 21.67 -4.64 1.19
CA VAL A 414 20.49 -5.28 1.74
C VAL A 414 19.37 -4.23 1.83
N GLY A 415 18.32 -4.40 1.04
CA GLY A 415 17.23 -3.45 1.06
C GLY A 415 16.23 -3.73 -0.04
N SER A 416 15.55 -2.66 -0.47
CA SER A 416 14.46 -2.77 -1.42
C SER A 416 14.67 -1.81 -2.58
N VAL A 417 14.17 -2.21 -3.75
CA VAL A 417 14.08 -1.32 -4.91
C VAL A 417 12.68 -0.74 -4.91
N VAL A 418 12.58 0.58 -4.75
CA VAL A 418 11.30 1.27 -4.61
C VAL A 418 10.96 2.16 -5.79
N GLY A 419 11.87 2.31 -6.74
CA GLY A 419 11.62 3.13 -7.91
C GLY A 419 12.40 2.64 -9.09
N TYR A 420 11.84 2.82 -10.28
CA TYR A 420 12.50 2.41 -11.51
C TYR A 420 12.07 3.32 -12.64
N SER A 421 13.00 3.61 -13.55
N SER A 421 13.04 3.72 -13.46
CA SER A 421 12.68 4.26 -14.81
CA SER A 421 12.81 4.67 -14.54
C SER A 421 13.55 3.67 -15.91
C SER A 421 13.50 4.14 -15.78
N GLY A 422 12.93 3.33 -17.04
N GLY A 422 12.73 3.87 -16.82
CA GLY A 422 13.65 2.74 -18.14
CA GLY A 422 13.27 3.32 -18.04
C GLY A 422 12.74 2.18 -19.22
C GLY A 422 12.15 2.96 -18.99
N LYS A 423 12.50 2.96 -20.27
CA LYS A 423 11.56 2.61 -21.32
C LYS A 423 12.23 1.74 -22.37
N LYS A 424 11.40 1.03 -23.14
N LYS A 424 11.40 1.03 -23.14
CA LYS A 424 11.92 0.18 -24.21
CA LYS A 424 11.89 0.18 -24.21
C LYS A 424 12.63 0.99 -25.28
C LYS A 424 12.61 0.99 -25.28
N LYS A 425 12.17 2.23 -25.52
CA LYS A 425 12.76 3.06 -26.57
C LYS A 425 14.00 3.81 -26.11
N TYR A 426 14.36 3.77 -24.83
CA TYR A 426 15.51 4.48 -24.31
C TYR A 426 16.60 3.50 -23.90
N ASP A 427 17.81 4.03 -23.68
CA ASP A 427 19.01 3.21 -23.58
C ASP A 427 19.68 3.26 -22.21
N GLU A 428 18.96 3.68 -21.18
CA GLU A 428 19.53 3.70 -19.83
C GLU A 428 18.40 3.56 -18.82
N ILE A 429 18.75 3.08 -17.63
CA ILE A 429 17.78 2.89 -16.56
C ILE A 429 18.22 3.68 -15.33
N PHE A 430 17.23 4.04 -14.52
CA PHE A 430 17.46 4.57 -13.19
C PHE A 430 16.61 3.76 -12.21
N TYR A 431 17.15 3.55 -11.00
CA TYR A 431 16.39 2.86 -9.97
C TYR A 431 16.80 3.37 -8.60
N GLN A 432 15.84 3.38 -7.69
CA GLN A 432 16.02 3.91 -6.34
C GLN A 432 16.02 2.77 -5.34
N PHE A 433 17.00 2.78 -4.44
CA PHE A 433 17.19 1.76 -3.43
C PHE A 433 17.01 2.39 -2.06
N THR A 434 16.41 1.64 -1.13
CA THR A 434 16.21 2.11 0.24
C THR A 434 16.37 0.94 1.19
N SER A 435 16.66 1.26 2.45
CA SER A 435 16.81 0.27 3.49
C SER A 435 16.54 0.91 4.84
N PHE A 436 16.72 0.12 5.91
CA PHE A 436 16.38 0.60 7.25
C PHE A 436 17.23 1.80 7.66
N LEU A 437 18.52 1.79 7.28
CA LEU A 437 19.43 2.87 7.64
C LEU A 437 19.90 3.65 6.41
N THR A 438 19.22 3.48 5.28
CA THR A 438 19.58 4.17 4.04
C THR A 438 18.32 4.81 3.47
N PRO A 439 18.15 6.12 3.63
CA PRO A 439 16.96 6.78 3.04
C PRO A 439 16.80 6.54 1.55
N GLY A 440 17.89 6.67 0.78
CA GLY A 440 17.81 6.43 -0.64
C GLY A 440 19.13 6.49 -1.38
N ILE A 441 19.30 5.59 -2.35
CA ILE A 441 20.38 5.66 -3.33
C ILE A 441 19.75 5.50 -4.70
N ILE A 442 19.98 6.47 -5.57
CA ILE A 442 19.49 6.42 -6.95
C ILE A 442 20.66 6.03 -7.84
N TYR A 443 20.47 4.96 -8.61
CA TYR A 443 21.50 4.45 -9.51
C TYR A 443 21.14 4.77 -10.94
N ARG A 444 22.17 4.80 -11.79
CA ARG A 444 22.03 5.01 -13.23
C ARG A 444 22.87 3.95 -13.92
N CYS A 445 22.29 3.29 -14.94
CA CYS A 445 22.98 2.20 -15.62
C CYS A 445 22.82 2.36 -17.12
N ASP A 446 23.94 2.56 -17.81
CA ASP A 446 23.96 2.54 -19.26
C ASP A 446 23.65 1.12 -19.74
N MET A 447 22.72 1.01 -20.67
CA MET A 447 22.26 -0.28 -21.19
C MET A 447 22.73 -0.56 -22.60
N THR A 448 23.67 0.22 -23.13
CA THR A 448 24.07 0.11 -24.53
C THR A 448 25.21 -0.86 -24.76
N THR A 449 25.90 -1.32 -23.72
CA THR A 449 27.02 -2.25 -23.86
C THR A 449 26.67 -3.59 -23.22
N ASP A 450 27.57 -4.56 -23.38
CA ASP A 450 27.34 -5.90 -22.86
C ASP A 450 27.79 -6.07 -21.41
N THR A 451 28.36 -5.04 -20.80
CA THR A 451 28.59 -4.99 -19.37
C THR A 451 27.66 -3.94 -18.78
N TYR A 452 27.14 -4.21 -17.59
CA TYR A 452 26.16 -3.34 -16.94
C TYR A 452 26.72 -2.93 -15.58
N THR A 453 27.41 -1.79 -15.57
CA THR A 453 28.07 -1.26 -14.38
C THR A 453 27.29 -0.04 -13.91
N PRO A 454 26.39 -0.19 -12.95
CA PRO A 454 25.61 0.96 -12.48
C PRO A 454 26.48 1.99 -11.78
N LYS A 455 26.10 3.25 -11.94
CA LYS A 455 26.74 4.37 -11.27
C LYS A 455 25.80 4.95 -10.23
N THR A 456 26.36 5.49 -9.15
CA THR A 456 25.57 6.17 -8.15
C THR A 456 25.20 7.55 -8.67
N PHE A 457 23.89 7.80 -8.81
CA PHE A 457 23.40 9.07 -9.32
C PHE A 457 23.10 10.06 -8.21
N ARG A 458 22.48 9.60 -7.12
CA ARG A 458 22.17 10.43 -5.97
C ARG A 458 22.29 9.60 -4.71
N GLU A 459 22.72 10.26 -3.63
CA GLU A 459 22.74 9.66 -2.30
C GLU A 459 21.84 10.50 -1.39
N ILE A 460 20.81 9.87 -0.83
CA ILE A 460 19.85 10.53 0.04
C ILE A 460 20.16 10.09 1.47
N LYS A 461 20.52 11.06 2.31
CA LYS A 461 20.97 10.76 3.66
C LYS A 461 20.35 11.74 4.64
N VAL A 462 20.16 11.26 5.88
CA VAL A 462 19.77 12.15 6.97
C VAL A 462 20.94 13.02 7.36
N LYS A 463 20.66 14.29 7.66
CA LYS A 463 21.70 15.22 8.08
C LYS A 463 22.06 15.01 9.54
N ASP A 464 23.36 14.91 9.81
CA ASP A 464 23.90 14.83 11.17
C ASP A 464 23.27 13.68 11.96
N PHE A 465 23.43 12.48 11.41
CA PHE A 465 22.96 11.27 12.08
C PHE A 465 23.93 10.14 11.74
N ASP A 466 24.55 9.55 12.75
CA ASP A 466 25.50 8.46 12.57
C ASP A 466 24.71 7.15 12.55
N THR A 467 24.42 6.64 11.36
CA THR A 467 23.72 5.38 11.22
C THR A 467 24.60 4.18 11.54
N SER A 468 25.92 4.37 11.64
CA SER A 468 26.83 3.27 11.95
C SER A 468 26.67 2.77 13.38
N GLN A 469 25.96 3.51 14.24
N GLN A 469 25.96 3.51 14.24
CA GLN A 469 25.69 3.05 15.60
CA GLN A 469 25.69 3.05 15.60
C GLN A 469 24.58 2.01 15.67
C GLN A 469 24.62 1.97 15.66
N PHE A 470 23.93 1.70 14.55
CA PHE A 470 22.84 0.75 14.52
C PHE A 470 23.08 -0.29 13.45
N GLU A 471 22.34 -1.39 13.54
CA GLU A 471 22.48 -2.50 12.60
C GLU A 471 21.16 -3.24 12.49
N THR A 472 21.04 -4.05 11.45
CA THR A 472 19.86 -4.86 11.21
C THR A 472 20.26 -6.32 11.15
N GLU A 473 19.53 -7.13 11.88
CA GLU A 473 19.68 -8.56 11.85
C GLU A 473 18.45 -9.25 11.26
N GLN A 474 18.62 -10.34 10.56
CA GLN A 474 17.51 -11.14 10.09
C GLN A 474 17.53 -12.48 10.81
N VAL A 475 16.45 -12.78 11.51
CA VAL A 475 16.28 -14.06 12.18
C VAL A 475 15.10 -14.79 11.56
N PHE A 476 15.03 -16.09 11.84
CA PHE A 476 13.92 -16.92 11.41
C PHE A 476 13.40 -17.64 12.64
N PHE A 477 12.16 -17.34 13.03
CA PHE A 477 11.61 -17.90 14.26
C PHE A 477 10.51 -18.92 13.94
N PRO A 478 10.37 -19.96 14.75
CA PRO A 478 9.32 -20.95 14.51
C PRO A 478 7.97 -20.42 14.98
N SER A 479 6.96 -20.58 14.12
CA SER A 479 5.61 -20.17 14.47
C SER A 479 4.95 -21.24 15.33
N LYS A 480 3.66 -21.05 15.60
CA LYS A 480 2.92 -21.98 16.45
C LYS A 480 2.90 -23.38 15.84
N ASP A 481 2.76 -23.47 14.51
CA ASP A 481 2.73 -24.76 13.84
C ASP A 481 4.10 -25.27 13.44
N GLY A 482 5.16 -24.50 13.68
CA GLY A 482 6.51 -24.90 13.36
C GLY A 482 7.11 -24.21 12.15
N THR A 483 6.31 -23.50 11.38
CA THR A 483 6.81 -22.81 10.19
C THR A 483 7.78 -21.71 10.59
N LYS A 484 8.92 -21.66 9.92
CA LYS A 484 9.92 -20.63 10.20
C LYS A 484 9.53 -19.34 9.50
N ILE A 485 9.52 -18.24 10.25
CA ILE A 485 9.05 -16.95 9.77
C ILE A 485 10.23 -15.98 9.81
N PRO A 486 10.50 -15.23 8.74
CA PRO A 486 11.60 -14.27 8.79
C PRO A 486 11.21 -13.04 9.61
N MET A 487 12.22 -12.43 10.22
CA MET A 487 12.01 -11.22 10.99
C MET A 487 13.27 -10.36 10.95
N PHE A 488 13.10 -9.09 10.59
CA PHE A 488 14.18 -8.11 10.69
C PHE A 488 14.13 -7.45 12.06
N ILE A 489 15.30 -7.25 12.66
CA ILE A 489 15.42 -6.58 13.94
C ILE A 489 16.46 -5.48 13.80
N VAL A 490 16.02 -4.24 13.89
CA VAL A 490 16.90 -3.08 13.81
C VAL A 490 17.12 -2.55 15.22
N HIS A 491 18.38 -2.38 15.60
CA HIS A 491 18.70 -2.03 16.98
C HIS A 491 20.09 -1.39 17.02
N ARG A 492 20.41 -0.83 18.19
CA ARG A 492 21.72 -0.25 18.42
C ARG A 492 22.76 -1.36 18.57
N LYS A 493 23.96 -1.13 18.03
CA LYS A 493 25.03 -2.09 18.18
C LYS A 493 25.43 -2.22 19.64
N GLY A 494 25.89 -3.42 20.01
CA GLY A 494 26.27 -3.68 21.38
C GLY A 494 25.11 -3.91 22.33
N LEU A 495 23.90 -4.09 21.81
CA LEU A 495 22.74 -4.35 22.66
C LEU A 495 22.93 -5.66 23.41
N VAL A 496 22.61 -5.65 24.70
CA VAL A 496 22.61 -6.85 25.53
C VAL A 496 21.18 -7.33 25.68
N HIS A 497 21.00 -8.65 25.70
CA HIS A 497 19.66 -9.24 25.75
C HIS A 497 19.27 -9.45 27.21
N ASP A 498 18.80 -8.37 27.84
CA ASP A 498 18.37 -8.37 29.22
C ASP A 498 16.87 -8.14 29.38
N GLY A 499 16.12 -8.15 28.28
CA GLY A 499 14.68 -7.96 28.32
C GLY A 499 14.23 -6.56 28.66
N SER A 500 15.11 -5.57 28.62
CA SER A 500 14.80 -4.23 29.06
C SER A 500 14.41 -3.27 27.93
N HIS A 501 14.53 -3.70 26.68
CA HIS A 501 14.40 -2.74 25.59
C HIS A 501 12.96 -2.71 25.08
N PRO A 502 12.40 -1.51 24.89
CA PRO A 502 11.06 -1.44 24.28
C PRO A 502 11.13 -1.79 22.80
N VAL A 503 10.09 -2.47 22.32
CA VAL A 503 10.06 -2.98 20.96
C VAL A 503 8.84 -2.41 20.24
N MET A 504 9.07 -1.95 19.00
CA MET A 504 8.00 -1.64 18.07
C MET A 504 7.94 -2.80 17.07
N LEU A 505 6.91 -3.64 17.18
CA LEU A 505 6.78 -4.83 16.36
C LEU A 505 5.73 -4.57 15.29
N TYR A 506 6.16 -4.60 14.02
CA TYR A 506 5.31 -4.25 12.89
C TYR A 506 4.99 -5.50 12.08
N GLY A 507 3.78 -5.53 11.52
CA GLY A 507 3.36 -6.63 10.68
C GLY A 507 2.19 -6.24 9.82
N TYR A 508 1.98 -7.01 8.75
CA TYR A 508 0.85 -6.82 7.86
C TYR A 508 0.14 -8.15 7.66
N GLY A 509 0.71 -9.02 6.82
CA GLY A 509 0.24 -10.37 6.67
C GLY A 509 -1.01 -10.54 5.84
N GLY A 510 -0.89 -10.39 4.53
CA GLY A 510 -2.02 -10.61 3.65
C GLY A 510 -1.81 -10.00 2.29
N PHE A 511 -2.65 -10.43 1.35
CA PHE A 511 -2.81 -9.80 0.04
C PHE A 511 -1.53 -9.81 -0.79
N ASN A 512 -0.69 -10.83 -0.60
CA ASN A 512 0.52 -11.02 -1.40
C ASN A 512 1.51 -9.86 -1.27
N ILE A 513 1.39 -9.06 -0.21
CA ILE A 513 2.23 -7.89 -0.02
C ILE A 513 3.45 -8.30 0.79
N SER A 514 4.64 -8.05 0.25
CA SER A 514 5.88 -8.34 0.94
C SER A 514 6.34 -7.10 1.70
N ILE A 515 6.64 -7.25 2.98
CA ILE A 515 7.09 -6.14 3.82
C ILE A 515 8.62 -6.18 3.80
N THR A 516 9.19 -5.42 2.87
CA THR A 516 10.61 -5.38 2.59
C THR A 516 11.25 -4.16 3.25
N PRO A 517 12.58 -4.15 3.41
CA PRO A 517 13.22 -3.04 4.13
C PRO A 517 12.95 -1.69 3.48
N SER A 518 12.68 -0.70 4.34
CA SER A 518 12.46 0.67 3.90
C SER A 518 12.90 1.60 5.02
N PHE A 519 13.07 2.87 4.68
CA PHE A 519 13.56 3.86 5.63
C PHE A 519 12.41 4.59 6.30
N SER A 520 12.57 4.83 7.60
CA SER A 520 11.60 5.58 8.40
C SER A 520 12.33 6.55 9.31
N PRO A 521 12.10 7.86 9.16
CA PRO A 521 12.75 8.82 10.05
C PRO A 521 12.34 8.68 11.51
N SER A 522 11.05 8.40 11.77
CA SER A 522 10.60 8.22 13.15
C SER A 522 11.23 6.98 13.78
N ARG A 523 11.55 5.96 12.99
CA ARG A 523 12.22 4.79 13.52
C ARG A 523 13.61 5.13 14.04
N LEU A 524 14.31 6.03 13.35
CA LEU A 524 15.62 6.48 13.82
C LEU A 524 15.51 7.18 15.17
N VAL A 525 14.47 8.01 15.33
CA VAL A 525 14.27 8.71 16.60
C VAL A 525 13.95 7.71 17.70
N PHE A 526 13.14 6.70 17.40
CA PHE A 526 12.82 5.66 18.38
C PHE A 526 14.08 4.93 18.83
N LEU A 527 14.98 4.61 17.90
CA LEU A 527 16.18 3.87 18.23
C LEU A 527 17.20 4.77 18.94
N GLN A 528 17.31 6.02 18.52
CA GLN A 528 18.35 6.90 19.03
C GLN A 528 17.97 7.51 20.39
N HIS A 529 16.74 8.00 20.52
CA HIS A 529 16.35 8.78 21.68
C HIS A 529 15.44 8.04 22.66
N LEU A 530 14.80 6.94 22.24
CA LEU A 530 13.87 6.23 23.12
C LEU A 530 14.35 4.81 23.42
N GLY A 531 15.62 4.51 23.17
CA GLY A 531 16.17 3.20 23.45
C GLY A 531 15.43 2.07 22.76
N GLY A 532 14.89 2.32 21.57
CA GLY A 532 13.97 1.39 20.97
C GLY A 532 14.62 0.32 20.13
N VAL A 533 13.89 -0.79 19.98
CA VAL A 533 14.23 -1.86 19.06
C VAL A 533 13.04 -2.03 18.12
N TYR A 534 13.31 -2.05 16.81
N TYR A 534 13.32 -2.05 16.82
CA TYR A 534 12.27 -2.15 15.80
CA TYR A 534 12.30 -2.17 15.80
C TYR A 534 12.36 -3.50 15.10
C TYR A 534 12.38 -3.55 15.18
N ALA A 535 11.22 -4.19 15.02
CA ALA A 535 11.14 -5.52 14.43
C ALA A 535 10.00 -5.60 13.44
N ILE A 536 10.28 -6.22 12.28
CA ILE A 536 9.26 -6.56 11.29
C ILE A 536 9.19 -8.08 11.19
N ALA A 537 7.99 -8.62 11.37
CA ALA A 537 7.76 -10.05 11.20
C ALA A 537 7.15 -10.27 9.82
N ASN A 538 7.85 -11.00 8.96
CA ASN A 538 7.37 -11.30 7.61
C ASN A 538 6.42 -12.49 7.68
N ILE A 539 5.29 -12.26 8.35
CA ILE A 539 4.34 -13.32 8.61
C ILE A 539 3.67 -13.77 7.32
N ARG A 540 3.03 -14.94 7.39
CA ARG A 540 2.37 -15.51 6.23
C ARG A 540 1.19 -14.63 5.79
N GLY A 541 0.65 -14.95 4.62
CA GLY A 541 -0.31 -14.10 3.96
C GLY A 541 0.31 -13.10 3.01
N GLY A 542 1.55 -12.68 3.28
CA GLY A 542 2.28 -11.82 2.38
C GLY A 542 2.79 -12.60 1.18
N GLY A 543 3.63 -11.92 0.39
CA GLY A 543 4.17 -12.54 -0.80
C GLY A 543 5.66 -12.79 -0.73
N GLU A 544 6.20 -12.85 0.50
CA GLU A 544 7.65 -12.95 0.68
C GLU A 544 8.22 -14.21 0.01
N TYR A 545 7.45 -15.31 0.03
CA TYR A 545 7.91 -16.57 -0.56
C TYR A 545 6.95 -17.08 -1.64
N GLY A 546 6.22 -16.18 -2.27
CA GLY A 546 5.35 -16.54 -3.38
C GLY A 546 3.91 -16.76 -2.95
N GLU A 547 3.15 -17.31 -3.89
CA GLU A 547 1.71 -17.49 -3.68
C GLU A 547 1.42 -18.53 -2.61
N SER A 548 2.32 -19.50 -2.40
CA SER A 548 2.13 -20.46 -1.32
C SER A 548 2.23 -19.78 0.04
N TRP A 549 3.13 -18.80 0.17
CA TRP A 549 3.19 -17.99 1.37
C TRP A 549 1.91 -17.19 1.55
N HIS A 550 1.36 -16.69 0.44
CA HIS A 550 0.11 -15.91 0.50
C HIS A 550 -1.06 -16.80 0.91
N LYS A 551 -1.20 -17.97 0.28
CA LYS A 551 -2.32 -18.84 0.60
C LYS A 551 -2.21 -19.43 2.00
N ALA A 552 -0.99 -19.58 2.51
CA ALA A 552 -0.81 -20.09 3.86
C ALA A 552 -1.30 -19.13 4.93
N GLY A 553 -1.71 -17.92 4.55
CA GLY A 553 -2.19 -16.95 5.51
C GLY A 553 -3.40 -16.18 5.03
N ASN A 554 -4.29 -16.82 4.28
CA ASN A 554 -5.52 -16.20 3.84
C ASN A 554 -6.65 -17.21 3.87
N CYS A 555 -7.88 -16.70 3.71
CA CYS A 555 -9.09 -17.52 3.75
C CYS A 555 -9.17 -18.30 5.06
N ALA A 556 -9.28 -19.63 4.96
CA ALA A 556 -9.35 -20.46 6.16
C ALA A 556 -8.05 -20.46 6.95
N ASN A 557 -6.95 -20.02 6.34
CA ASN A 557 -5.65 -20.00 7.00
C ASN A 557 -5.31 -18.63 7.58
N LYS A 558 -6.29 -17.74 7.70
CA LYS A 558 -6.00 -16.39 8.20
C LYS A 558 -5.47 -16.42 9.62
N GLN A 559 -5.90 -17.39 10.43
CA GLN A 559 -5.43 -17.47 11.81
C GLN A 559 -3.92 -17.70 11.88
N ASN A 560 -3.35 -18.33 10.84
CA ASN A 560 -1.90 -18.51 10.80
C ASN A 560 -1.17 -17.17 10.88
N VAL A 561 -1.74 -16.14 10.25
CA VAL A 561 -1.13 -14.81 10.28
C VAL A 561 -1.03 -14.31 11.71
N PHE A 562 -2.12 -14.41 12.47
CA PHE A 562 -2.13 -13.95 13.85
C PHE A 562 -1.21 -14.80 14.72
N ASP A 563 -1.15 -16.11 14.44
CA ASP A 563 -0.26 -16.98 15.19
C ASP A 563 1.20 -16.63 14.92
N ASP A 564 1.54 -16.31 13.66
CA ASP A 564 2.90 -15.91 13.34
C ASP A 564 3.29 -14.65 14.08
N PHE A 565 2.40 -13.66 14.12
CA PHE A 565 2.70 -12.39 14.76
C PHE A 565 2.84 -12.57 16.28
N GLN A 566 1.94 -13.35 16.88
CA GLN A 566 2.07 -13.63 18.32
C GLN A 566 3.34 -14.41 18.61
N SER A 567 3.72 -15.31 17.69
CA SER A 567 4.97 -16.05 17.87
C SER A 567 6.18 -15.14 17.74
N ALA A 568 6.08 -14.07 16.94
CA ALA A 568 7.16 -13.11 16.84
C ALA A 568 7.38 -12.40 18.17
N ALA A 569 6.30 -12.00 18.84
CA ALA A 569 6.42 -11.37 20.15
C ALA A 569 7.01 -12.35 21.17
N GLN A 570 6.56 -13.60 21.13
CA GLN A 570 7.09 -14.61 22.05
C GLN A 570 8.57 -14.84 21.81
N TYR A 571 9.00 -14.83 20.55
CA TYR A 571 10.42 -15.01 20.24
C TYR A 571 11.25 -13.87 20.83
N LEU A 572 10.78 -12.63 20.68
CA LEU A 572 11.51 -11.49 21.23
C LEU A 572 11.56 -11.53 22.75
N ILE A 573 10.53 -12.07 23.40
CA ILE A 573 10.55 -12.20 24.85
C ILE A 573 11.47 -13.32 25.29
N GLU A 574 11.37 -14.48 24.63
CA GLU A 574 12.16 -15.63 25.05
C GLU A 574 13.65 -15.37 24.87
N ASN A 575 14.04 -14.69 23.79
CA ASN A 575 15.44 -14.35 23.56
C ASN A 575 15.86 -13.07 24.27
N LYS A 576 15.00 -12.54 25.14
CA LYS A 576 15.36 -11.44 26.04
C LYS A 576 15.69 -10.14 25.32
N TRP A 577 15.14 -9.95 24.13
CA TRP A 577 15.18 -8.62 23.52
C TRP A 577 14.34 -7.64 24.32
N THR A 578 13.29 -8.11 24.96
CA THR A 578 12.27 -7.25 25.54
C THR A 578 11.40 -8.09 26.46
N SER A 579 10.39 -7.46 27.05
N SER A 579 10.38 -7.46 27.04
CA SER A 579 9.36 -8.15 27.81
CA SER A 579 9.36 -8.13 27.82
C SER A 579 8.00 -7.72 27.27
C SER A 579 8.00 -7.74 27.26
N ALA A 580 6.97 -8.49 27.66
CA ALA A 580 5.63 -8.27 27.10
C ALA A 580 5.12 -6.86 27.40
N LYS A 581 5.41 -6.34 28.59
CA LYS A 581 4.93 -5.00 28.94
C LYS A 581 5.61 -3.91 28.13
N ARG A 582 6.72 -4.21 27.47
CA ARG A 582 7.47 -3.21 26.70
C ARG A 582 7.24 -3.32 25.20
N ILE A 583 6.37 -4.23 24.75
CA ILE A 583 6.14 -4.44 23.32
C ILE A 583 4.97 -3.59 22.87
N THR A 584 5.19 -2.82 21.81
CA THR A 584 4.14 -2.13 21.08
C THR A 584 4.01 -2.76 19.71
N ILE A 585 2.80 -3.21 19.38
CA ILE A 585 2.53 -3.76 18.05
C ILE A 585 1.85 -2.69 17.20
N ASN A 586 2.15 -2.71 15.91
CA ASN A 586 1.67 -1.67 15.00
C ASN A 586 1.38 -2.30 13.64
N GLY A 587 0.28 -1.85 13.03
CA GLY A 587 -0.11 -2.32 11.72
C GLY A 587 -1.16 -1.42 11.13
N GLY A 588 -1.26 -1.45 9.81
CA GLY A 588 -2.19 -0.60 9.10
C GLY A 588 -3.06 -1.38 8.13
N SER A 589 -4.31 -0.94 8.01
CA SER A 589 -5.29 -1.57 7.13
C SER A 589 -5.49 -3.04 7.48
N ASN A 590 -5.05 -3.95 6.61
CA ASN A 590 -5.04 -5.36 6.96
C ASN A 590 -4.14 -5.61 8.16
N GLY A 591 -3.10 -4.79 8.33
CA GLY A 591 -2.31 -4.84 9.55
C GLY A 591 -3.02 -4.30 10.76
N GLY A 592 -4.02 -3.45 10.57
CA GLY A 592 -4.87 -3.05 11.68
C GLY A 592 -5.74 -4.19 12.17
N LEU A 593 -6.24 -5.00 11.24
CA LEU A 593 -6.92 -6.24 11.62
C LEU A 593 -5.98 -7.15 12.39
N LEU A 594 -4.72 -7.21 11.98
CA LEU A 594 -3.73 -8.02 12.70
C LEU A 594 -3.60 -7.58 14.15
N VAL A 595 -3.53 -6.26 14.38
CA VAL A 595 -3.41 -5.75 15.73
C VAL A 595 -4.67 -6.03 16.54
N GLY A 596 -5.84 -5.81 15.94
CA GLY A 596 -7.09 -6.02 16.66
C GLY A 596 -7.29 -7.46 17.07
N ALA A 597 -6.97 -8.40 16.16
CA ALA A 597 -7.12 -9.81 16.50
C ALA A 597 -6.10 -10.25 17.55
N CYS A 598 -4.90 -9.67 17.52
CA CYS A 598 -3.85 -10.11 18.44
C CYS A 598 -4.10 -9.62 19.85
N ILE A 599 -4.66 -8.42 20.01
CA ILE A 599 -4.97 -7.94 21.35
C ILE A 599 -6.14 -8.71 21.95
N ASN A 600 -7.07 -9.20 21.11
CA ASN A 600 -8.15 -10.02 21.61
C ASN A 600 -7.64 -11.41 22.00
N GLN A 601 -6.71 -11.97 21.23
CA GLN A 601 -6.32 -13.35 21.43
C GLN A 601 -5.22 -13.50 22.48
N ARG A 602 -4.24 -12.59 22.48
CA ARG A 602 -3.11 -12.65 23.42
C ARG A 602 -2.83 -11.26 23.97
N PRO A 603 -3.73 -10.72 24.79
CA PRO A 603 -3.45 -9.42 25.41
C PRO A 603 -2.26 -9.46 26.36
N ASP A 604 -1.88 -10.64 26.85
CA ASP A 604 -0.77 -10.75 27.77
C ASP A 604 0.58 -10.56 27.10
N LEU A 605 0.64 -10.61 25.77
CA LEU A 605 1.90 -10.53 25.05
C LEU A 605 2.33 -9.11 24.72
N PHE A 606 1.48 -8.11 24.95
CA PHE A 606 1.73 -6.75 24.50
C PHE A 606 1.45 -5.76 25.60
N GLY A 607 2.11 -4.60 25.52
CA GLY A 607 1.88 -3.51 26.44
C GLY A 607 1.18 -2.35 25.78
N CYS A 608 1.34 -2.22 24.47
CA CYS A 608 0.70 -1.15 23.71
C CYS A 608 0.37 -1.67 22.31
N ALA A 609 -0.65 -1.06 21.70
CA ALA A 609 -1.10 -1.48 20.38
C ALA A 609 -1.58 -0.26 19.61
N VAL A 610 -1.07 -0.09 18.39
CA VAL A 610 -1.42 1.02 17.53
C VAL A 610 -1.96 0.44 16.22
N ALA A 611 -3.27 0.50 16.04
CA ALA A 611 -3.94 -0.02 14.84
C ALA A 611 -4.37 1.17 14.00
N GLN A 612 -3.78 1.31 12.82
CA GLN A 612 -4.07 2.40 11.92
C GLN A 612 -5.00 1.93 10.81
N VAL A 613 -6.03 2.74 10.51
CA VAL A 613 -6.99 2.53 9.43
C VAL A 613 -7.36 1.06 9.25
N GLY A 614 -7.65 0.39 10.36
CA GLY A 614 -7.78 -1.06 10.35
C GLY A 614 -9.17 -1.56 10.02
N VAL A 615 -9.21 -2.73 9.40
CA VAL A 615 -10.45 -3.46 9.16
C VAL A 615 -10.77 -4.25 10.43
N LEU A 616 -11.88 -3.91 11.08
CA LEU A 616 -12.20 -4.48 12.38
C LEU A 616 -13.56 -5.16 12.47
N ASP A 617 -14.51 -4.85 11.59
CA ASP A 617 -15.76 -5.59 11.48
C ASP A 617 -15.61 -6.52 10.29
N MET A 618 -15.21 -7.77 10.56
CA MET A 618 -14.98 -8.74 9.51
C MET A 618 -16.27 -9.38 8.99
N LEU A 619 -17.41 -9.08 9.60
CA LEU A 619 -18.69 -9.58 9.11
C LEU A 619 -19.36 -8.63 8.12
N ARG A 620 -18.93 -7.37 8.08
CA ARG A 620 -19.58 -6.36 7.24
C ARG A 620 -18.61 -5.57 6.38
N PHE A 621 -17.34 -5.95 6.32
CA PHE A 621 -16.37 -5.18 5.56
C PHE A 621 -16.73 -5.12 4.07
N HIS A 622 -17.34 -6.18 3.55
CA HIS A 622 -17.62 -6.29 2.12
C HIS A 622 -18.81 -5.44 1.68
N LYS A 623 -19.49 -4.77 2.60
CA LYS A 623 -20.67 -3.99 2.27
C LYS A 623 -20.38 -2.52 2.00
N PHE A 624 -19.12 -2.10 2.11
CA PHE A 624 -18.78 -0.68 2.00
C PHE A 624 -17.69 -0.47 0.96
N THR A 625 -17.84 0.61 0.19
CA THR A 625 -16.90 1.04 -0.83
C THR A 625 -16.30 -0.11 -1.64
N ILE A 626 -14.99 -0.33 -1.49
CA ILE A 626 -14.27 -1.34 -2.24
C ILE A 626 -14.02 -2.60 -1.42
N GLY A 627 -14.68 -2.74 -0.27
CA GLY A 627 -14.42 -3.86 0.61
C GLY A 627 -14.71 -5.21 0.00
N HIS A 628 -15.58 -5.25 -1.01
CA HIS A 628 -15.90 -6.52 -1.65
C HIS A 628 -14.70 -7.16 -2.33
N ALA A 629 -13.68 -6.35 -2.68
CA ALA A 629 -12.50 -6.90 -3.33
C ALA A 629 -11.63 -7.71 -2.40
N TRP A 630 -11.82 -7.58 -1.08
CA TRP A 630 -10.97 -8.24 -0.11
C TRP A 630 -11.44 -9.65 0.24
N THR A 631 -12.57 -10.11 -0.33
CA THR A 631 -13.07 -11.44 -0.01
C THR A 631 -12.13 -12.55 -0.51
N THR A 632 -11.21 -12.24 -1.42
CA THR A 632 -10.26 -13.23 -1.88
C THR A 632 -9.25 -13.60 -0.81
N ASP A 633 -9.07 -12.76 0.21
CA ASP A 633 -8.23 -13.08 1.36
C ASP A 633 -9.02 -13.37 2.62
N TYR A 634 -10.20 -12.78 2.78
CA TYR A 634 -10.97 -12.90 4.01
C TYR A 634 -12.14 -13.87 3.89
N GLY A 635 -12.63 -14.13 2.70
CA GLY A 635 -13.94 -14.73 2.56
C GLY A 635 -15.01 -13.67 2.79
N SER A 636 -16.25 -14.15 2.98
CA SER A 636 -17.36 -13.25 3.20
C SER A 636 -18.38 -13.91 4.12
N SER A 637 -18.91 -13.12 5.06
CA SER A 637 -19.94 -13.63 5.95
C SER A 637 -21.21 -14.04 5.21
N ASP A 638 -21.33 -13.69 3.93
CA ASP A 638 -22.43 -14.19 3.11
C ASP A 638 -22.37 -15.70 2.93
N SER A 639 -21.19 -16.30 3.07
CA SER A 639 -21.00 -17.73 2.90
C SER A 639 -21.02 -18.41 4.25
N THR A 640 -21.70 -19.56 4.32
CA THR A 640 -21.79 -20.32 5.56
C THR A 640 -20.41 -20.78 6.02
N ASP A 641 -19.62 -21.32 5.09
CA ASP A 641 -18.29 -21.80 5.44
C ASP A 641 -17.37 -20.65 5.83
N ASP A 642 -17.41 -19.55 5.08
CA ASP A 642 -16.54 -18.41 5.39
C ASP A 642 -16.91 -17.78 6.72
N PHE A 643 -18.20 -17.78 7.07
CA PHE A 643 -18.62 -17.16 8.33
C PHE A 643 -18.04 -17.91 9.53
N LYS A 644 -17.98 -19.24 9.45
CA LYS A 644 -17.40 -20.01 10.54
C LYS A 644 -15.95 -19.66 10.78
N VAL A 645 -15.23 -19.26 9.73
CA VAL A 645 -13.86 -18.81 9.90
C VAL A 645 -13.82 -17.38 10.45
N LEU A 646 -14.66 -16.49 9.89
CA LEU A 646 -14.58 -15.08 10.22
C LEU A 646 -15.03 -14.80 11.65
N ILE A 647 -16.07 -15.51 12.12
CA ILE A 647 -16.62 -15.25 13.44
C ILE A 647 -15.61 -15.52 14.54
N LYS A 648 -14.62 -16.37 14.29
CA LYS A 648 -13.64 -16.72 15.30
C LYS A 648 -12.64 -15.59 15.57
N TYR A 649 -12.37 -14.74 14.58
CA TYR A 649 -11.35 -13.71 14.73
C TYR A 649 -11.79 -12.29 14.45
N SER A 650 -13.03 -12.05 14.04
CA SER A 650 -13.52 -10.70 13.79
C SER A 650 -13.32 -9.85 15.05
N PRO A 651 -12.45 -8.85 15.00
CA PRO A 651 -12.10 -8.14 16.25
C PRO A 651 -13.27 -7.49 16.95
N LEU A 652 -14.22 -6.91 16.20
CA LEU A 652 -15.37 -6.27 16.82
C LEU A 652 -16.21 -7.26 17.61
N HIS A 653 -16.19 -8.54 17.22
CA HIS A 653 -17.04 -9.55 17.83
C HIS A 653 -16.29 -10.50 18.75
N ASN A 654 -15.04 -10.18 19.12
CA ASN A 654 -14.24 -11.06 19.95
C ASN A 654 -13.55 -10.30 21.08
N ILE A 655 -14.11 -9.16 21.48
CA ILE A 655 -13.58 -8.42 22.62
C ILE A 655 -14.07 -9.08 23.90
N ARG A 656 -13.14 -9.62 24.69
CA ARG A 656 -13.49 -10.32 25.92
C ARG A 656 -12.44 -10.03 26.98
N GLU A 657 -12.89 -9.69 28.18
CA GLU A 657 -11.97 -9.46 29.28
C GLU A 657 -11.32 -10.77 29.70
N GLN A 658 -10.01 -10.73 29.91
N GLN A 658 -10.01 -10.72 29.92
CA GLN A 658 -9.22 -11.89 30.30
CA GLN A 658 -9.22 -11.88 30.31
C GLN A 658 -8.54 -11.63 31.64
C GLN A 658 -8.59 -11.65 31.68
N LYS A 659 -7.81 -12.64 32.12
CA LYS A 659 -7.07 -12.48 33.37
C LYS A 659 -6.01 -11.41 33.25
N ASP A 660 -5.38 -11.30 32.08
CA ASP A 660 -4.45 -10.22 31.79
C ASP A 660 -5.21 -9.10 31.08
N GLN A 661 -4.96 -7.87 31.50
CA GLN A 661 -5.66 -6.74 30.91
C GLN A 661 -5.18 -6.50 29.48
N TYR A 662 -6.04 -5.86 28.69
CA TYR A 662 -5.68 -5.52 27.33
C TYR A 662 -4.56 -4.48 27.34
N PRO A 663 -3.68 -4.50 26.34
CA PRO A 663 -2.68 -3.46 26.23
C PRO A 663 -3.32 -2.11 25.92
N ALA A 664 -2.55 -1.05 26.12
CA ALA A 664 -3.00 0.27 25.71
C ALA A 664 -3.24 0.28 24.20
N LEU A 665 -4.34 0.89 23.79
CA LEU A 665 -4.77 0.83 22.39
C LEU A 665 -5.00 2.24 21.86
N LEU A 666 -4.46 2.52 20.69
CA LEU A 666 -4.69 3.78 19.98
C LEU A 666 -5.11 3.43 18.57
N LEU A 667 -6.36 3.76 18.22
CA LEU A 667 -6.84 3.60 16.86
C LEU A 667 -6.69 4.92 16.12
N LEU A 668 -6.19 4.84 14.89
CA LEU A 668 -5.96 6.02 14.06
C LEU A 668 -6.70 5.85 12.74
N THR A 669 -7.55 6.80 12.41
CA THR A 669 -8.26 6.80 11.13
C THR A 669 -8.56 8.23 10.73
N GLY A 670 -9.01 8.41 9.50
CA GLY A 670 -9.40 9.70 8.99
C GLY A 670 -10.82 9.67 8.47
N ASP A 671 -11.50 10.82 8.55
CA ASP A 671 -12.90 10.88 8.15
C ASP A 671 -13.10 10.76 6.65
N HIS A 672 -12.02 10.77 5.86
CA HIS A 672 -12.11 10.57 4.42
C HIS A 672 -11.48 9.25 3.97
N ASP A 673 -11.28 8.31 4.88
CA ASP A 673 -10.75 7.00 4.52
C ASP A 673 -11.88 6.19 3.90
N ASP A 674 -12.05 6.34 2.60
CA ASP A 674 -13.02 5.55 1.86
C ASP A 674 -12.45 4.22 1.37
N ARG A 675 -11.20 3.92 1.69
CA ARG A 675 -10.67 2.58 1.45
C ARG A 675 -11.16 1.62 2.53
N VAL A 676 -10.82 1.91 3.79
CA VAL A 676 -11.36 1.21 4.94
C VAL A 676 -12.20 2.24 5.70
N VAL A 677 -13.53 2.14 5.56
CA VAL A 677 -14.41 3.17 6.11
C VAL A 677 -14.20 3.29 7.61
N PRO A 678 -14.14 4.50 8.16
CA PRO A 678 -13.77 4.66 9.58
C PRO A 678 -14.75 4.05 10.56
N LEU A 679 -15.92 3.59 10.12
CA LEU A 679 -16.85 2.92 11.04
C LEU A 679 -16.21 1.69 11.67
N HIS A 680 -15.22 1.10 11.00
CA HIS A 680 -14.50 -0.03 11.58
C HIS A 680 -13.85 0.36 12.90
N SER A 681 -13.14 1.49 12.92
CA SER A 681 -12.50 1.93 14.16
C SER A 681 -13.51 2.47 15.15
N LEU A 682 -14.54 3.16 14.67
CA LEU A 682 -15.51 3.78 15.57
C LEU A 682 -16.28 2.71 16.36
N LYS A 683 -16.78 1.69 15.67
CA LYS A 683 -17.55 0.65 16.35
C LYS A 683 -16.67 -0.17 17.29
N PHE A 684 -15.45 -0.48 16.87
CA PHE A 684 -14.53 -1.22 17.74
C PHE A 684 -14.19 -0.41 18.98
N LEU A 685 -13.99 0.91 18.82
CA LEU A 685 -13.68 1.76 19.97
C LEU A 685 -14.85 1.83 20.94
N ALA A 686 -16.08 1.94 20.41
CA ALA A 686 -17.25 2.00 21.29
C ALA A 686 -17.45 0.69 22.04
N GLN A 687 -17.22 -0.44 21.39
CA GLN A 687 -17.45 -1.73 22.03
C GLN A 687 -16.36 -2.03 23.06
N ILE A 688 -15.10 -1.73 22.75
CA ILE A 688 -14.03 -2.04 23.68
C ILE A 688 -14.07 -1.15 24.91
N GLN A 689 -14.50 0.11 24.73
CA GLN A 689 -14.62 1.00 25.88
C GLN A 689 -15.77 0.58 26.78
N TYR A 690 -16.85 0.06 26.19
CA TYR A 690 -17.96 -0.42 26.99
C TYR A 690 -17.60 -1.72 27.72
N THR A 691 -16.87 -2.61 27.05
CA THR A 691 -16.55 -3.91 27.65
C THR A 691 -15.75 -3.75 28.94
N PHE A 692 -14.90 -2.73 29.02
CA PHE A 692 -14.04 -2.51 30.18
C PHE A 692 -14.48 -1.32 31.02
N LYS A 693 -15.73 -0.87 30.88
CA LYS A 693 -16.16 0.33 31.59
C LYS A 693 -16.20 0.11 33.10
N ASP A 694 -16.49 -1.12 33.55
CA ASP A 694 -16.56 -1.43 34.97
C ASP A 694 -15.44 -2.39 35.39
N SER A 695 -14.36 -2.45 34.64
CA SER A 695 -13.28 -3.40 34.89
C SER A 695 -12.27 -2.78 35.85
N ASP A 696 -12.08 -3.42 37.01
CA ASP A 696 -11.07 -2.94 37.94
C ASP A 696 -9.66 -3.17 37.40
N SER A 697 -9.47 -4.24 36.62
CA SER A 697 -8.14 -4.62 36.16
C SER A 697 -7.67 -3.82 34.95
N GLN A 698 -8.58 -3.23 34.18
CA GLN A 698 -8.21 -2.51 32.97
C GLN A 698 -7.79 -1.10 33.35
N THR A 699 -6.48 -0.86 33.38
CA THR A 699 -5.93 0.48 33.62
C THR A 699 -5.32 1.11 32.37
N ASN A 700 -5.01 0.33 31.35
CA ASN A 700 -4.43 0.88 30.14
C ASN A 700 -5.50 1.61 29.34
N PRO A 701 -5.17 2.75 28.73
CA PRO A 701 -6.18 3.50 27.98
C PRO A 701 -6.53 2.84 26.66
N LEU A 702 -7.77 3.04 26.24
CA LEU A 702 -8.27 2.55 24.95
C LEU A 702 -8.86 3.75 24.24
N MET A 703 -8.11 4.31 23.29
CA MET A 703 -8.44 5.60 22.71
C MET A 703 -8.38 5.54 21.19
N GLY A 704 -8.82 6.62 20.56
CA GLY A 704 -8.78 6.73 19.11
C GLY A 704 -8.67 8.19 18.70
N ARG A 705 -8.01 8.40 17.56
CA ARG A 705 -7.88 9.72 16.96
C ARG A 705 -8.47 9.66 15.56
N ILE A 706 -9.44 10.52 15.29
CA ILE A 706 -10.08 10.60 13.97
C ILE A 706 -9.66 11.92 13.35
N ASP A 707 -8.79 11.85 12.34
CA ASP A 707 -8.29 13.04 11.67
C ASP A 707 -9.30 13.57 10.67
N THR A 708 -9.16 14.84 10.34
CA THR A 708 -9.97 15.50 9.33
C THR A 708 -9.13 15.73 8.07
N LYS A 709 -9.81 15.74 6.92
CA LYS A 709 -9.17 16.02 5.63
C LYS A 709 -8.05 15.04 5.31
N SER A 710 -8.16 13.80 5.78
CA SER A 710 -7.20 12.76 5.46
C SER A 710 -7.94 11.43 5.34
N GLY A 711 -7.30 10.50 4.63
CA GLY A 711 -7.92 9.22 4.36
C GLY A 711 -7.08 8.02 4.74
N HIS A 712 -7.00 7.05 3.83
CA HIS A 712 -6.30 5.80 4.14
C HIS A 712 -4.81 6.01 4.37
N GLY A 713 -4.19 6.94 3.65
CA GLY A 713 -2.79 7.22 3.88
C GLY A 713 -2.04 7.77 2.68
N PHE A 714 -2.35 7.28 1.49
CA PHE A 714 -1.62 7.72 0.29
C PHE A 714 -1.89 9.20 0.03
N GLY A 715 -0.81 9.95 -0.18
CA GLY A 715 -0.93 11.37 -0.43
C GLY A 715 -1.15 12.22 0.79
N LYS A 716 -1.08 11.65 1.98
CA LYS A 716 -1.23 12.43 3.20
C LYS A 716 -0.08 13.42 3.30
N PRO A 717 -0.35 14.70 3.59
CA PRO A 717 0.73 15.69 3.62
C PRO A 717 1.74 15.39 4.71
N THR A 718 2.97 15.88 4.49
CA THR A 718 4.07 15.61 5.41
C THR A 718 3.74 16.10 6.82
N ALA A 719 3.07 17.25 6.93
CA ALA A 719 2.74 17.78 8.25
C ALA A 719 1.85 16.83 9.03
N LYS A 720 0.86 16.22 8.37
CA LYS A 720 -0.02 15.28 9.05
C LYS A 720 0.73 14.00 9.41
N VAL A 721 1.66 13.57 8.55
CA VAL A 721 2.41 12.35 8.83
C VAL A 721 3.29 12.53 10.06
N ILE A 722 3.96 13.68 10.18
CA ILE A 722 4.80 13.94 11.33
C ILE A 722 3.95 14.06 12.61
N GLU A 723 2.80 14.71 12.51
CA GLU A 723 1.90 14.79 13.66
C GLU A 723 1.42 13.42 14.09
N GLU A 724 1.17 12.53 13.13
CA GLU A 724 0.69 11.19 13.45
C GLU A 724 1.80 10.36 14.11
N LEU A 725 3.02 10.45 13.58
CA LEU A 725 4.13 9.72 14.19
C LEU A 725 4.45 10.26 15.58
N THR A 726 4.32 11.57 15.77
CA THR A 726 4.50 12.15 17.10
C THR A 726 3.45 11.61 18.07
N ASP A 727 2.21 11.47 17.61
CA ASP A 727 1.16 10.94 18.47
C ASP A 727 1.41 9.48 18.81
N ILE A 728 1.90 8.70 17.84
CA ILE A 728 2.14 7.27 18.07
C ILE A 728 3.17 7.07 19.17
N TYR A 729 4.32 7.74 19.05
CA TYR A 729 5.37 7.59 20.04
C TYR A 729 5.10 8.34 21.33
N SER A 730 4.25 9.38 21.29
CA SER A 730 3.78 9.98 22.54
C SER A 730 2.87 9.01 23.29
N PHE A 731 2.00 8.31 22.57
CA PHE A 731 1.14 7.30 23.20
C PHE A 731 1.98 6.18 23.81
N MET A 732 3.02 5.73 23.10
CA MET A 732 3.89 4.70 23.64
C MET A 732 4.65 5.19 24.86
N HIS A 733 5.15 6.43 24.81
CA HIS A 733 5.87 6.98 25.96
C HIS A 733 4.99 7.03 27.20
N GLN A 734 3.69 7.26 27.02
CA GLN A 734 2.78 7.38 28.15
C GLN A 734 2.22 6.04 28.60
N THR A 735 2.52 4.94 27.91
CA THR A 735 1.86 3.68 28.23
C THR A 735 2.83 2.54 28.50
N VAL A 736 4.01 2.54 27.89
CA VAL A 736 4.99 1.49 28.09
C VAL A 736 6.28 1.98 28.74
N GLY A 737 6.27 3.20 29.29
CA GLY A 737 7.40 3.69 30.06
C GLY A 737 8.67 3.93 29.28
N LEU A 738 8.55 4.58 28.11
CA LEU A 738 9.74 4.94 27.35
C LEU A 738 10.53 6.02 28.09
N LYS A 739 11.85 6.02 27.88
CA LYS A 739 12.74 7.01 28.46
C LYS A 739 13.41 7.78 27.34
N TRP A 740 13.32 9.10 27.40
CA TRP A 740 13.93 9.96 26.39
C TRP A 740 15.37 10.29 26.79
N SER A 741 16.28 10.17 25.84
CA SER A 741 17.68 10.54 26.03
C SER A 741 18.07 11.51 24.93
N ASP A 742 18.63 12.64 25.32
CA ASP A 742 19.04 13.67 24.36
C ASP A 742 20.32 13.27 23.64
#